data_5XUS
#
_entry.id   5XUS
#
_cell.length_a   103.205
_cell.length_b   103.205
_cell.length_c   363.909
_cell.angle_alpha   90.00
_cell.angle_beta   90.00
_cell.angle_gamma   90.00
#
_symmetry.space_group_name_H-M   'P 41 21 2'
#
loop_
_entity.id
_entity.type
_entity.pdbx_description
1 polymer LbCpf1
2 polymer crRNA
3 polymer 'DNA (29-MER)'
4 polymer "DNA (5'-D(*CP*GP*TP*CP*CP*TP*TP*TP*A)-3')"
5 non-polymer 'MAGNESIUM ION'
6 non-polymer 1,2-ETHANEDIOL
7 non-polymer 'SODIUM ION'
8 water water
#
loop_
_entity_poly.entity_id
_entity_poly.type
_entity_poly.pdbx_seq_one_letter_code
_entity_poly.pdbx_strand_id
1 'polypeptide(L)'
;GSHMSKLEKFTNCYSLSKTLRFKAIPVGKTQENIDNKRLLVEDEKRAEDYKGVKKLLDRYYLSFINDVLHSIKLKNLNNY
ISLFRKKTRTEKENKELENLEINLRKEIAKAFKGNEGYKSLFKKDIIETILPEFLDDKDEIALVNSFNGFTTAFTGFFDN
RENMFSEEAKSTSIAFRCINENLTRYISNMDIFEKVDAIFDKHEVQEIKEKILNSDYDVEDFFEGEFFNFVLTQEGIDVY
NAIIGGFVTESGEKIKGLNEYINLYNQKTKQKLPKFKPLYKQVLSDRESLSFYGEGYTSDEEVLEVFRNTLNKNSEIFSS
IKKLEKLFKNFDEYSSAGIFVKNGPAISTISKDIFGEWNVIRDKWNAEYDDIHLKKKAVVTEKYEDDRRKSFKKIGSFSL
EQLQEYADADLSVVEKLKEIIIQKVDEIYKVYGSSEKLFDADFVLEKSLKKNDAVVAIMKDLLDSVKSFENYIKAFFGEG
KETNRDESFYGDFVLAYDILLKVDHIYDAIRNYVTQKPYSKDKFKLYFQNPQFMGGWDKDKETDYRATILRYGSKYYLAI
MDKKYAKCLQKIDKDDVNGNYEKINYKLLPGPNKMLPKVFFSKKWMAYYNPSEDIQKIYKNGTFKKGDMFNLNDCHKLID
FFKDSISRYPKWSNAYDFNFSETEKYKDIAGFYREVEEQGYKVSFESASKKEVDKLVEEGKLYMFQIYNKDFSDKSHGTP
NLHTMYFKLLFDENNHGQIRLSGGAELFMRRASLKKEELVVHPANSPIANKNPDNPKKTTTLSYDVYKDKRFSEDQYELH
IPIAINKCPKNIFKINTEVRVLLKHDDNPYVIGIDRGERNLLYIVVVDGKGNIVEQYSLNEIINNFNGIRIKTDYHSLLD
KKEKERFEARQNWTSIENIKELKAGYISQVVHKICELVEKYDAVIALEDLNSGFKNSRVKVEKQVYQKFEKMLIDKLNYM
VDKKSNPCATGGALKGYQITNKFESFKSMSTQNGFIFYIPAWLTSKIDPSTGFVNLLKTKYTSIADSKKFISSFDRIMYV
PEEDLFEFALDYKNFSRTDADYIKKWKLYSYGNRIRIFRNPKKNNVFDWEEVCLTSAYKELFNKYGINYQQGDIRALLCE
QSDKAFYSSFMALMSLMLQMRNSITGRTDVDFLISPVKNSDGIFYDSRNYEAQENAILPKNADANGAYNIARKVLWAIGQ
FKKAEDEKLDKVKIAISNKEWLEYAQTSVKH
;
A
2 'polyribonucleotide' AAUUUCUACUAAGUGUAGAUGGAAAUUAGGUGCGCUUGGC B
3 'polydeoxyribonucleotide'
;(DG)(DC)(DC)(DA)(DA)(DG)(DC)(DG)(DC)(DA)(DC)(DC)(DT)(DA)(DA)(DT)(DT)(DT)(DC)(DC)
(DT)(DA)(DA)(DA)(DG)(DG)(DA)(DC)(DG)
;
C
4 'polydeoxyribonucleotide' (DC)(DG)(DT)(DC)(DC)(DT)(DT)(DT)(DA) D
#
loop_
_chem_comp.id
_chem_comp.type
_chem_comp.name
_chem_comp.formula
A RNA linking ADENOSINE-5'-MONOPHOSPHATE 'C10 H14 N5 O7 P'
C RNA linking CYTIDINE-5'-MONOPHOSPHATE 'C9 H14 N3 O8 P'
DA DNA linking 2'-DEOXYADENOSINE-5'-MONOPHOSPHATE 'C10 H14 N5 O6 P'
DC DNA linking 2'-DEOXYCYTIDINE-5'-MONOPHOSPHATE 'C9 H14 N3 O7 P'
DG DNA linking 2'-DEOXYGUANOSINE-5'-MONOPHOSPHATE 'C10 H14 N5 O7 P'
DT DNA linking THYMIDINE-5'-MONOPHOSPHATE 'C10 H15 N2 O8 P'
EDO non-polymer 1,2-ETHANEDIOL 'C2 H6 O2'
G RNA linking GUANOSINE-5'-MONOPHOSPHATE 'C10 H14 N5 O8 P'
MG non-polymer 'MAGNESIUM ION' 'Mg 2'
NA non-polymer 'SODIUM ION' 'Na 1'
U RNA linking URIDINE-5'-MONOPHOSPHATE 'C9 H13 N2 O9 P'
#
# COMPACT_ATOMS: atom_id res chain seq x y z
N HIS A 3 4.81 -34.23 25.54
CA HIS A 3 4.35 -34.09 24.16
C HIS A 3 5.26 -33.22 23.31
N MET A 4 4.73 -32.71 22.22
CA MET A 4 5.41 -31.78 21.35
C MET A 4 4.77 -30.40 21.50
N SER A 5 5.19 -29.48 20.65
CA SER A 5 4.53 -28.19 20.55
C SER A 5 3.47 -28.25 19.45
N LYS A 6 2.69 -27.19 19.36
CA LYS A 6 1.82 -27.09 18.19
C LYS A 6 2.63 -26.74 16.94
N LEU A 7 3.70 -25.96 17.08
CA LEU A 7 4.52 -25.60 15.93
C LEU A 7 5.01 -26.82 15.17
N GLU A 8 5.42 -27.87 15.92
CA GLU A 8 6.03 -29.08 15.38
C GLU A 8 5.21 -29.73 14.28
N LYS A 9 3.89 -29.61 14.34
CA LYS A 9 3.04 -30.23 13.34
C LYS A 9 2.96 -29.44 12.03
N PHE A 10 3.67 -28.32 11.88
CA PHE A 10 3.48 -27.51 10.68
C PHE A 10 4.72 -27.38 9.80
N THR A 11 5.22 -28.52 9.34
CA THR A 11 6.36 -28.57 8.43
C THR A 11 5.96 -29.40 7.21
N ASN A 12 6.59 -29.12 6.07
CA ASN A 12 6.35 -29.86 4.83
C ASN A 12 4.85 -29.91 4.51
N CYS A 13 4.20 -28.73 4.54
CA CYS A 13 2.77 -28.60 4.29
C CYS A 13 2.45 -28.19 2.87
N TYR A 14 3.15 -27.21 2.32
CA TYR A 14 2.87 -26.79 0.96
C TYR A 14 4.14 -26.19 0.36
N SER A 15 4.15 -26.03 -0.95
CA SER A 15 5.36 -25.53 -1.59
C SER A 15 5.26 -24.05 -1.88
N LEU A 16 6.41 -23.47 -2.19
CA LEU A 16 6.51 -22.07 -2.55
C LEU A 16 7.86 -21.89 -3.24
N SER A 17 7.99 -20.78 -3.95
CA SER A 17 9.23 -20.48 -4.62
C SER A 17 9.78 -19.18 -4.07
N LYS A 18 11.11 -19.09 -4.03
CA LYS A 18 11.85 -17.90 -3.63
C LYS A 18 12.95 -17.64 -4.65
N THR A 19 13.52 -16.44 -4.59
CA THR A 19 14.68 -16.12 -5.41
C THR A 19 15.87 -15.75 -4.54
N LEU A 20 16.98 -16.41 -4.79
CA LEU A 20 18.26 -16.12 -4.18
C LEU A 20 19.08 -15.26 -5.16
N ARG A 21 19.63 -14.15 -4.65
CA ARG A 21 20.36 -13.21 -5.48
C ARG A 21 21.82 -13.12 -5.07
N PHE A 22 22.71 -13.03 -6.07
CA PHE A 22 24.14 -13.03 -5.84
C PHE A 22 24.85 -12.05 -6.77
N LYS A 23 26.03 -11.62 -6.35
CA LYS A 23 26.97 -10.97 -7.26
C LYS A 23 27.68 -12.04 -8.08
N ALA A 24 27.91 -11.74 -9.36
CA ALA A 24 28.65 -12.61 -10.26
C ALA A 24 29.94 -11.90 -10.62
N ILE A 25 31.07 -12.50 -10.25
CA ILE A 25 32.37 -11.86 -10.34
C ILE A 25 33.17 -12.53 -11.46
N PRO A 26 33.47 -11.83 -12.55
CA PRO A 26 34.24 -12.45 -13.65
C PRO A 26 35.60 -12.89 -13.16
N VAL A 27 36.01 -14.07 -13.63
CA VAL A 27 37.24 -14.74 -13.24
C VAL A 27 38.19 -14.75 -14.44
N GLY A 28 39.45 -14.44 -14.18
CA GLY A 28 40.48 -14.65 -15.19
C GLY A 28 40.30 -13.73 -16.38
N LYS A 29 40.31 -14.30 -17.58
CA LYS A 29 40.15 -13.52 -18.80
C LYS A 29 38.69 -13.32 -19.19
N THR A 30 37.75 -13.74 -18.35
CA THR A 30 36.34 -13.62 -18.67
C THR A 30 35.97 -12.19 -19.05
N GLN A 31 36.27 -11.22 -18.19
CA GLN A 31 35.87 -9.85 -18.51
C GLN A 31 36.54 -9.35 -19.78
N GLU A 32 37.85 -9.53 -19.91
CA GLU A 32 38.53 -9.06 -21.10
C GLU A 32 37.89 -9.63 -22.36
N ASN A 33 37.56 -10.92 -22.33
CA ASN A 33 36.96 -11.56 -23.50
C ASN A 33 35.57 -11.02 -23.78
N ILE A 34 34.77 -10.74 -22.73
CA ILE A 34 33.48 -10.09 -22.93
C ILE A 34 33.67 -8.71 -23.53
N ASP A 35 34.69 -7.99 -23.07
CA ASP A 35 34.96 -6.66 -23.59
C ASP A 35 35.29 -6.72 -25.07
N ASN A 36 36.21 -7.62 -25.46
CA ASN A 36 36.59 -7.76 -26.86
C ASN A 36 35.40 -8.15 -27.72
N LYS A 37 34.65 -9.19 -27.33
CA LYS A 37 33.52 -9.64 -28.13
C LYS A 37 32.35 -8.67 -28.12
N ARG A 38 32.35 -7.66 -27.25
CA ARG A 38 31.32 -6.60 -27.24
C ARG A 38 29.94 -7.12 -26.87
N LEU A 39 29.88 -8.04 -25.88
CA LEU A 39 28.62 -8.68 -25.54
C LEU A 39 27.70 -7.80 -24.70
N LEU A 40 28.25 -6.83 -23.96
CA LEU A 40 27.44 -6.04 -23.05
C LEU A 40 26.76 -4.88 -23.77
N VAL A 41 27.44 -4.28 -24.74
CA VAL A 41 26.80 -3.29 -25.59
C VAL A 41 25.71 -3.95 -26.41
N GLU A 42 25.99 -5.14 -26.94
CA GLU A 42 24.96 -5.94 -27.61
C GLU A 42 23.75 -6.16 -26.70
N ASP A 43 24.00 -6.62 -25.46
CA ASP A 43 22.90 -6.95 -24.55
C ASP A 43 22.17 -5.69 -24.07
N GLU A 44 22.91 -4.60 -23.85
CA GLU A 44 22.29 -3.33 -23.47
C GLU A 44 21.39 -2.79 -24.58
N LYS A 45 21.83 -2.91 -25.83
CA LYS A 45 20.99 -2.41 -26.92
C LYS A 45 19.77 -3.29 -27.11
N ARG A 46 19.96 -4.61 -27.01
CA ARG A 46 18.83 -5.54 -27.07
C ARG A 46 17.74 -5.16 -26.08
N ALA A 47 18.13 -4.80 -24.85
CA ALA A 47 17.12 -4.43 -23.86
C ALA A 47 16.37 -3.18 -24.31
N GLU A 48 17.07 -2.24 -24.96
CA GLU A 48 16.37 -1.08 -25.46
C GLU A 48 15.43 -1.48 -26.59
N ASP A 49 15.92 -2.22 -27.58
CA ASP A 49 15.06 -2.62 -28.69
C ASP A 49 13.94 -3.54 -28.21
N TYR A 50 14.23 -4.39 -27.23
CA TYR A 50 13.22 -5.31 -26.73
C TYR A 50 12.01 -4.54 -26.19
N LYS A 51 12.27 -3.48 -25.40
CA LYS A 51 11.16 -2.66 -24.91
C LYS A 51 10.46 -1.94 -26.04
N GLY A 52 11.18 -1.69 -27.14
CA GLY A 52 10.57 -1.06 -28.29
C GLY A 52 9.59 -1.98 -29.00
N VAL A 53 9.97 -3.26 -29.17
CA VAL A 53 9.09 -4.23 -29.84
C VAL A 53 7.86 -4.50 -28.99
N LYS A 54 8.02 -4.54 -27.66
CA LYS A 54 6.86 -4.69 -26.80
C LYS A 54 5.88 -3.53 -27.00
N LYS A 55 6.39 -2.32 -27.15
CA LYS A 55 5.51 -1.19 -27.41
C LYS A 55 4.78 -1.37 -28.74
N LEU A 56 5.51 -1.79 -29.78
CA LEU A 56 4.88 -2.03 -31.07
C LEU A 56 3.88 -3.19 -31.00
N LEU A 57 4.24 -4.25 -30.28
CA LEU A 57 3.31 -5.34 -30.08
C LEU A 57 2.03 -4.84 -29.42
N ASP A 58 2.18 -3.96 -28.43
CA ASP A 58 1.01 -3.45 -27.71
C ASP A 58 0.11 -2.64 -28.62
N ARG A 59 0.68 -1.91 -29.57
CA ARG A 59 -0.15 -1.18 -30.51
C ARG A 59 -1.07 -2.12 -31.26
N TYR A 60 -0.54 -3.25 -31.70
CA TYR A 60 -1.37 -4.27 -32.33
C TYR A 60 -2.43 -4.81 -31.36
N TYR A 61 -2.02 -5.23 -30.16
CA TYR A 61 -2.95 -5.83 -29.22
C TYR A 61 -4.08 -4.88 -28.87
N LEU A 62 -3.75 -3.60 -28.65
CA LEU A 62 -4.79 -2.63 -28.33
C LEU A 62 -5.75 -2.48 -29.51
N SER A 63 -5.24 -2.53 -30.73
CA SER A 63 -6.09 -2.48 -31.92
C SER A 63 -7.01 -3.70 -31.95
N PHE A 64 -6.47 -4.88 -31.66
CA PHE A 64 -7.26 -6.10 -31.66
C PHE A 64 -8.28 -6.08 -30.53
N ILE A 65 -7.89 -5.57 -29.35
CA ILE A 65 -8.83 -5.45 -28.24
C ILE A 65 -9.98 -4.53 -28.62
N ASN A 66 -9.69 -3.41 -29.26
CA ASN A 66 -10.74 -2.45 -29.60
C ASN A 66 -11.66 -2.98 -30.69
N ASP A 67 -11.12 -3.65 -31.72
CA ASP A 67 -12.01 -4.24 -32.72
C ASP A 67 -13.03 -5.14 -32.07
N VAL A 68 -12.60 -5.95 -31.11
CA VAL A 68 -13.51 -6.92 -30.50
C VAL A 68 -14.50 -6.20 -29.59
N LEU A 69 -14.00 -5.40 -28.65
CA LEU A 69 -14.87 -4.79 -27.66
C LEU A 69 -15.87 -3.81 -28.30
N HIS A 70 -15.46 -3.09 -29.35
CA HIS A 70 -16.38 -2.14 -29.97
C HIS A 70 -17.55 -2.84 -30.63
N SER A 71 -17.47 -4.15 -30.84
CA SER A 71 -18.48 -4.91 -31.56
C SER A 71 -19.20 -5.92 -30.68
N ILE A 72 -19.13 -5.76 -29.36
CA ILE A 72 -19.65 -6.77 -28.45
C ILE A 72 -20.93 -6.24 -27.80
N LYS A 73 -21.97 -7.06 -27.83
CA LYS A 73 -23.24 -6.78 -27.14
C LYS A 73 -23.43 -7.89 -26.12
N LEU A 74 -23.39 -7.54 -24.84
CA LEU A 74 -23.44 -8.55 -23.80
C LEU A 74 -24.89 -9.01 -23.59
N LYS A 75 -25.10 -10.32 -23.64
CA LYS A 75 -26.44 -10.88 -23.67
C LYS A 75 -27.03 -10.99 -22.27
N ASN A 76 -26.31 -11.66 -21.36
CA ASN A 76 -26.79 -11.90 -19.99
C ASN A 76 -27.03 -10.61 -19.20
N LEU A 77 -27.13 -9.47 -19.88
CA LEU A 77 -26.90 -8.18 -19.21
C LEU A 77 -28.07 -7.80 -18.30
N ASN A 78 -29.29 -7.82 -18.84
CA ASN A 78 -30.44 -7.37 -18.05
C ASN A 78 -30.76 -8.33 -16.92
N ASN A 79 -30.72 -9.63 -17.19
CA ASN A 79 -30.86 -10.63 -16.13
C ASN A 79 -29.80 -10.43 -15.04
N TYR A 80 -28.55 -10.20 -15.43
CA TYR A 80 -27.49 -10.01 -14.44
C TYR A 80 -27.76 -8.80 -13.56
N ILE A 81 -28.05 -7.65 -14.17
CA ILE A 81 -28.26 -6.44 -13.41
C ILE A 81 -29.48 -6.57 -12.51
N SER A 82 -30.56 -7.14 -13.02
CA SER A 82 -31.76 -7.33 -12.21
C SER A 82 -31.44 -8.14 -10.95
N LEU A 83 -30.84 -9.32 -11.12
CA LEU A 83 -30.49 -10.17 -10.00
C LEU A 83 -29.42 -9.55 -9.11
N PHE A 84 -28.51 -8.77 -9.68
CA PHE A 84 -27.43 -8.15 -8.91
C PHE A 84 -27.97 -7.16 -7.89
N ARG A 85 -29.09 -6.51 -8.19
CA ARG A 85 -29.70 -5.53 -7.29
C ARG A 85 -30.60 -6.19 -6.26
N LYS A 86 -31.56 -7.02 -6.70
CA LYS A 86 -32.52 -7.73 -5.86
C LYS A 86 -32.01 -8.04 -4.47
N LYS A 87 -32.68 -7.47 -3.46
CA LYS A 87 -32.21 -7.42 -2.08
C LYS A 87 -32.62 -8.64 -1.26
N THR A 88 -33.44 -9.52 -1.82
CA THR A 88 -33.80 -10.79 -1.21
C THR A 88 -33.27 -11.92 -2.08
N ARG A 89 -31.94 -12.05 -2.16
CA ARG A 89 -31.30 -13.13 -2.91
C ARG A 89 -31.07 -14.33 -2.00
N THR A 90 -31.83 -15.40 -2.23
CA THR A 90 -31.61 -16.67 -1.55
C THR A 90 -30.22 -17.21 -1.89
N GLU A 91 -29.81 -18.26 -1.17
CA GLU A 91 -28.54 -18.90 -1.52
C GLU A 91 -28.59 -19.52 -2.91
N LYS A 92 -29.78 -19.92 -3.37
CA LYS A 92 -29.93 -20.35 -4.76
C LYS A 92 -29.68 -19.20 -5.72
N GLU A 93 -30.27 -18.04 -5.44
CA GLU A 93 -30.14 -16.89 -6.31
C GLU A 93 -28.72 -16.36 -6.35
N ASN A 94 -27.96 -16.51 -5.25
CA ASN A 94 -26.57 -16.09 -5.26
C ASN A 94 -25.74 -16.96 -6.20
N LYS A 95 -25.97 -18.29 -6.20
CA LYS A 95 -25.29 -19.15 -7.15
C LYS A 95 -25.69 -18.81 -8.57
N GLU A 96 -26.98 -18.52 -8.78
CA GLU A 96 -27.47 -18.16 -10.11
C GLU A 96 -26.78 -16.89 -10.62
N LEU A 97 -26.67 -15.88 -9.76
CA LEU A 97 -25.95 -14.67 -10.14
C LEU A 97 -24.49 -14.95 -10.45
N GLU A 98 -23.87 -15.85 -9.68
CA GLU A 98 -22.48 -16.22 -9.96
C GLU A 98 -22.33 -16.83 -11.35
N ASN A 99 -23.30 -17.63 -11.78
CA ASN A 99 -23.22 -18.23 -13.11
C ASN A 99 -23.30 -17.17 -14.19
N LEU A 100 -24.22 -16.21 -14.04
CA LEU A 100 -24.35 -15.16 -15.04
C LEU A 100 -23.10 -14.28 -15.10
N GLU A 101 -22.41 -14.13 -13.98
CA GLU A 101 -21.17 -13.37 -14.01
C GLU A 101 -20.10 -14.11 -14.81
N ILE A 102 -19.97 -15.41 -14.56
CA ILE A 102 -19.09 -16.28 -15.36
C ILE A 102 -19.48 -16.22 -16.84
N ASN A 103 -20.76 -16.38 -17.14
CA ASN A 103 -21.19 -16.36 -18.54
C ASN A 103 -20.83 -15.03 -19.20
N LEU A 104 -20.93 -13.93 -18.46
CA LEU A 104 -20.53 -12.64 -19.02
C LEU A 104 -19.02 -12.59 -19.29
N ARG A 105 -18.21 -13.16 -18.39
CA ARG A 105 -16.77 -13.17 -18.64
C ARG A 105 -16.41 -14.13 -19.79
N LYS A 106 -17.01 -15.32 -19.80
CA LYS A 106 -16.87 -16.21 -20.95
C LYS A 106 -17.30 -15.51 -22.24
N GLU A 107 -18.32 -14.66 -22.15
CA GLU A 107 -18.78 -13.96 -23.34
C GLU A 107 -17.66 -13.09 -23.93
N ILE A 108 -17.03 -12.28 -23.08
CA ILE A 108 -15.91 -11.45 -23.53
C ILE A 108 -14.74 -12.32 -24.00
N ALA A 109 -14.31 -13.27 -23.17
CA ALA A 109 -13.16 -14.08 -23.51
C ALA A 109 -13.36 -14.82 -24.83
N LYS A 110 -14.55 -15.43 -25.03
CA LYS A 110 -14.80 -16.11 -26.31
C LYS A 110 -14.74 -15.13 -27.47
N ALA A 111 -15.22 -13.91 -27.28
CA ALA A 111 -15.14 -12.91 -28.34
C ALA A 111 -13.70 -12.70 -28.79
N PHE A 112 -12.76 -12.76 -27.85
CA PHE A 112 -11.35 -12.63 -28.18
C PHE A 112 -10.80 -13.93 -28.77
N LYS A 113 -10.96 -15.03 -28.05
CA LYS A 113 -10.36 -16.30 -28.45
C LYS A 113 -11.07 -16.91 -29.65
N GLY A 114 -12.14 -16.29 -30.12
CA GLY A 114 -12.85 -16.79 -31.27
C GLY A 114 -12.13 -16.48 -32.56
N ASN A 115 -11.51 -15.30 -32.64
CA ASN A 115 -10.90 -14.84 -33.90
C ASN A 115 -9.93 -15.87 -34.48
N GLU A 116 -9.84 -15.89 -35.80
CA GLU A 116 -8.78 -16.64 -36.46
C GLU A 116 -7.43 -16.03 -36.10
N GLY A 117 -6.44 -16.90 -35.88
CA GLY A 117 -5.13 -16.42 -35.57
C GLY A 117 -4.98 -15.75 -34.22
N TYR A 118 -6.01 -15.81 -33.37
CA TYR A 118 -5.78 -15.55 -31.95
C TYR A 118 -4.64 -16.43 -31.45
N LYS A 119 -4.53 -17.65 -31.98
CA LYS A 119 -3.40 -18.52 -31.69
C LYS A 119 -2.07 -17.85 -32.03
N SER A 120 -2.02 -17.16 -33.17
CA SER A 120 -0.82 -16.52 -33.68
C SER A 120 -0.33 -15.33 -32.86
N LEU A 121 -1.15 -14.81 -31.94
CA LEU A 121 -0.76 -13.62 -31.19
C LEU A 121 0.36 -13.86 -30.19
N PHE A 122 0.68 -15.13 -29.88
CA PHE A 122 1.64 -15.45 -28.85
C PHE A 122 2.65 -16.46 -29.34
N LYS A 123 2.79 -16.58 -30.65
CA LYS A 123 3.78 -17.42 -31.32
C LYS A 123 4.68 -16.49 -32.13
N LYS A 124 5.75 -17.07 -32.69
CA LYS A 124 6.65 -16.29 -33.51
C LYS A 124 5.91 -15.57 -34.64
N ASP A 125 4.75 -16.08 -35.06
CA ASP A 125 4.04 -15.50 -36.19
C ASP A 125 3.78 -14.02 -36.00
N ILE A 126 3.48 -13.60 -34.76
CA ILE A 126 3.11 -12.19 -34.54
C ILE A 126 4.31 -11.28 -34.77
N ILE A 127 5.52 -11.78 -34.54
CA ILE A 127 6.71 -10.97 -34.75
C ILE A 127 7.17 -11.03 -36.19
N GLU A 128 7.26 -12.24 -36.75
CA GLU A 128 7.84 -12.42 -38.07
C GLU A 128 6.90 -12.01 -39.18
N THR A 129 5.59 -12.03 -38.94
CA THR A 129 4.61 -11.84 -40.00
C THR A 129 3.55 -10.81 -39.65
N ILE A 130 2.78 -11.05 -38.58
CA ILE A 130 1.58 -10.26 -38.33
C ILE A 130 1.92 -8.79 -38.06
N LEU A 131 2.88 -8.54 -37.17
CA LEU A 131 3.18 -7.16 -36.82
C LEU A 131 3.77 -6.41 -38.03
N PRO A 132 4.68 -7.03 -38.81
CA PRO A 132 5.15 -6.33 -40.03
C PRO A 132 4.04 -5.90 -40.97
N GLU A 133 3.02 -6.73 -41.18
CA GLU A 133 1.92 -6.33 -42.06
C GLU A 133 1.16 -5.13 -41.49
N PHE A 134 0.89 -5.17 -40.18
CA PHE A 134 0.12 -4.14 -39.50
C PHE A 134 0.84 -2.79 -39.49
N LEU A 135 2.15 -2.80 -39.30
CA LEU A 135 2.92 -1.57 -39.22
C LEU A 135 3.22 -1.02 -40.61
N ASP A 136 3.64 0.25 -40.64
CA ASP A 136 3.99 0.93 -41.87
C ASP A 136 5.40 1.49 -41.85
N ASP A 137 5.72 2.35 -40.87
CA ASP A 137 7.05 2.92 -40.65
C ASP A 137 8.15 1.88 -40.92
N LYS A 138 8.97 2.15 -41.94
CA LYS A 138 10.02 1.20 -42.30
C LYS A 138 11.03 0.99 -41.17
N ASP A 139 11.19 1.96 -40.28
CA ASP A 139 12.11 1.80 -39.15
C ASP A 139 11.51 0.93 -38.05
N GLU A 140 10.24 1.17 -37.69
CA GLU A 140 9.57 0.30 -36.73
C GLU A 140 9.56 -1.14 -37.21
N ILE A 141 9.39 -1.35 -38.52
CA ILE A 141 9.44 -2.69 -39.09
C ILE A 141 10.81 -3.31 -38.86
N ALA A 142 11.86 -2.56 -39.18
CA ALA A 142 13.20 -3.11 -39.02
C ALA A 142 13.48 -3.51 -37.59
N LEU A 143 12.92 -2.76 -36.63
CA LEU A 143 13.12 -3.10 -35.23
C LEU A 143 12.49 -4.46 -34.92
N VAL A 144 11.23 -4.65 -35.34
CA VAL A 144 10.55 -5.93 -35.12
C VAL A 144 11.32 -7.05 -35.80
N ASN A 145 11.85 -6.78 -37.00
CA ASN A 145 12.51 -7.83 -37.78
C ASN A 145 13.83 -8.28 -37.18
N SER A 146 14.47 -7.45 -36.35
CA SER A 146 15.74 -7.79 -35.73
C SER A 146 15.58 -8.85 -34.64
N PHE A 147 14.36 -9.28 -34.35
CA PHE A 147 14.10 -10.33 -33.37
C PHE A 147 13.71 -11.65 -34.02
N ASN A 148 13.70 -11.73 -35.34
CA ASN A 148 13.63 -13.03 -36.00
C ASN A 148 14.75 -13.92 -35.45
N GLY A 149 14.41 -15.16 -35.11
CA GLY A 149 15.35 -16.06 -34.47
C GLY A 149 15.59 -15.78 -33.00
N PHE A 150 14.87 -14.83 -32.42
CA PHE A 150 15.00 -14.52 -31.01
C PHE A 150 13.64 -14.42 -30.32
N THR A 151 12.55 -14.88 -30.96
CA THR A 151 11.20 -14.69 -30.41
C THR A 151 10.97 -15.50 -29.14
N THR A 152 11.74 -16.58 -28.91
CA THR A 152 11.65 -17.29 -27.63
C THR A 152 11.89 -16.36 -26.45
N ALA A 153 12.61 -15.25 -26.67
CA ALA A 153 12.84 -14.29 -25.58
C ALA A 153 11.56 -13.59 -25.13
N PHE A 154 10.50 -13.63 -25.92
CA PHE A 154 9.22 -12.99 -25.62
C PHE A 154 8.26 -13.92 -24.89
N THR A 155 8.68 -15.13 -24.53
CA THR A 155 7.75 -16.10 -23.98
C THR A 155 6.99 -15.55 -22.78
N GLY A 156 7.72 -14.97 -21.83
CA GLY A 156 7.06 -14.41 -20.65
C GLY A 156 6.13 -13.25 -20.98
N PHE A 157 6.57 -12.36 -21.88
CA PHE A 157 5.70 -11.27 -22.32
C PHE A 157 4.42 -11.81 -22.95
N PHE A 158 4.53 -12.93 -23.66
CA PHE A 158 3.33 -13.50 -24.28
C PHE A 158 2.40 -14.05 -23.22
N ASP A 159 2.95 -14.58 -22.12
CA ASP A 159 2.11 -15.00 -21.01
C ASP A 159 1.40 -13.80 -20.40
N ASN A 160 2.16 -12.71 -20.15
CA ASN A 160 1.54 -11.49 -19.61
C ASN A 160 0.37 -11.04 -20.49
N ARG A 161 0.51 -11.21 -21.81
CA ARG A 161 -0.54 -10.80 -22.72
C ARG A 161 -1.71 -11.78 -22.74
N GLU A 162 -1.45 -13.09 -22.66
CA GLU A 162 -2.56 -14.05 -22.61
C GLU A 162 -3.46 -13.79 -21.42
N ASN A 163 -2.87 -13.49 -20.26
CA ASN A 163 -3.62 -13.13 -19.07
C ASN A 163 -4.77 -12.16 -19.38
N MET A 164 -4.49 -11.19 -20.25
CA MET A 164 -5.51 -10.19 -20.58
C MET A 164 -6.76 -10.83 -21.16
N PHE A 165 -6.62 -11.97 -21.82
CA PHE A 165 -7.76 -12.60 -22.48
C PHE A 165 -8.37 -13.72 -21.67
N SER A 166 -7.92 -13.94 -20.44
CA SER A 166 -8.47 -15.02 -19.63
C SER A 166 -9.94 -14.75 -19.31
N GLU A 167 -10.73 -15.82 -19.27
CA GLU A 167 -12.11 -15.71 -18.80
C GLU A 167 -12.20 -15.70 -17.28
N GLU A 168 -11.10 -15.96 -16.59
CA GLU A 168 -11.13 -16.11 -15.15
C GLU A 168 -11.34 -14.77 -14.46
N ALA A 169 -11.91 -14.84 -13.25
CA ALA A 169 -12.04 -13.64 -12.41
C ALA A 169 -10.69 -13.38 -11.73
N LYS A 170 -9.77 -12.87 -12.52
CA LYS A 170 -8.36 -12.68 -12.15
C LYS A 170 -7.95 -11.25 -12.44
N SER A 171 -7.06 -10.71 -11.61
CA SER A 171 -6.80 -9.28 -11.64
C SER A 171 -6.24 -8.79 -12.98
N THR A 172 -5.53 -9.61 -13.76
CA THR A 172 -4.97 -9.02 -14.98
C THR A 172 -5.85 -9.22 -16.22
N SER A 173 -7.11 -9.59 -16.05
CA SER A 173 -7.96 -10.00 -17.16
C SER A 173 -8.88 -8.86 -17.57
N ILE A 174 -8.98 -8.64 -18.89
CA ILE A 174 -9.96 -7.71 -19.44
C ILE A 174 -11.38 -8.08 -19.00
N ALA A 175 -11.72 -9.37 -19.09
CA ALA A 175 -13.06 -9.80 -18.68
C ALA A 175 -13.32 -9.46 -17.21
N PHE A 176 -12.30 -9.62 -16.36
CA PHE A 176 -12.45 -9.28 -14.95
C PHE A 176 -12.68 -7.78 -14.78
N ARG A 177 -11.87 -6.98 -15.46
CA ARG A 177 -11.99 -5.53 -15.36
C ARG A 177 -13.36 -5.04 -15.86
N CYS A 178 -13.90 -5.65 -16.93
CA CYS A 178 -15.21 -5.24 -17.44
C CYS A 178 -16.34 -5.69 -16.50
N ILE A 179 -16.36 -6.96 -16.13
CA ILE A 179 -17.51 -7.53 -15.46
C ILE A 179 -17.41 -7.36 -13.94
N ASN A 180 -16.27 -7.74 -13.37
CA ASN A 180 -16.18 -7.75 -11.92
C ASN A 180 -15.97 -6.36 -11.33
N GLU A 181 -15.33 -5.46 -12.07
CA GLU A 181 -15.01 -4.14 -11.56
C GLU A 181 -15.89 -3.08 -12.20
N ASN A 182 -15.80 -2.87 -13.50
CA ASN A 182 -16.52 -1.74 -14.07
C ASN A 182 -18.03 -1.98 -14.11
N LEU A 183 -18.47 -3.20 -14.46
CA LEU A 183 -19.92 -3.44 -14.42
C LEU A 183 -20.45 -3.29 -12.99
N THR A 184 -19.68 -3.72 -11.99
CA THR A 184 -20.12 -3.54 -10.61
C THR A 184 -20.26 -2.06 -10.28
N ARG A 185 -19.27 -1.24 -10.65
CA ARG A 185 -19.32 0.18 -10.37
C ARG A 185 -20.45 0.84 -11.12
N TYR A 186 -20.63 0.45 -12.38
CA TYR A 186 -21.68 1.02 -13.21
C TYR A 186 -23.05 0.76 -12.60
N ILE A 187 -23.28 -0.45 -12.09
CA ILE A 187 -24.57 -0.77 -11.49
C ILE A 187 -24.76 0.00 -10.19
N SER A 188 -23.72 0.04 -9.35
CA SER A 188 -23.76 0.91 -8.17
C SER A 188 -24.12 2.36 -8.54
N ASN A 189 -23.58 2.87 -9.65
CA ASN A 189 -23.94 4.21 -10.09
C ASN A 189 -25.41 4.30 -10.52
N MET A 190 -25.98 3.24 -11.08
CA MET A 190 -27.40 3.29 -11.42
C MET A 190 -28.26 3.51 -10.18
N ASP A 191 -27.96 2.80 -9.09
CA ASP A 191 -28.66 3.03 -7.83
C ASP A 191 -28.49 4.47 -7.37
N ILE A 192 -27.25 4.95 -7.38
CA ILE A 192 -26.97 6.34 -6.98
C ILE A 192 -27.73 7.32 -7.88
N PHE A 193 -27.85 7.02 -9.17
CA PHE A 193 -28.53 7.95 -10.06
C PHE A 193 -30.02 8.03 -9.76
N GLU A 194 -30.64 6.94 -9.27
CA GLU A 194 -32.06 7.00 -8.98
C GLU A 194 -32.36 7.77 -7.70
N LYS A 195 -31.48 7.67 -6.69
CA LYS A 195 -31.65 8.48 -5.49
C LYS A 195 -31.38 9.96 -5.77
N VAL A 196 -30.34 10.25 -6.55
CA VAL A 196 -29.78 11.59 -6.69
C VAL A 196 -30.37 12.38 -7.86
N ASP A 197 -31.14 11.72 -8.74
CA ASP A 197 -31.58 12.31 -10.02
C ASP A 197 -32.34 13.64 -9.83
N ALA A 198 -33.16 13.74 -8.79
CA ALA A 198 -34.02 14.91 -8.61
C ALA A 198 -33.24 16.21 -8.52
N ILE A 199 -31.95 16.14 -8.25
CA ILE A 199 -31.16 17.32 -7.87
C ILE A 199 -30.75 18.17 -9.07
N PHE A 200 -30.53 17.56 -10.23
CA PHE A 200 -29.96 18.27 -11.37
C PHE A 200 -31.03 19.04 -12.11
N ASP A 201 -30.79 20.32 -12.35
CA ASP A 201 -31.73 21.13 -13.10
C ASP A 201 -31.56 20.91 -14.60
N LYS A 202 -32.60 21.28 -15.36
CA LYS A 202 -32.62 21.08 -16.81
C LYS A 202 -31.37 21.64 -17.49
N HIS A 203 -30.91 22.83 -17.06
CA HIS A 203 -29.78 23.47 -17.73
C HIS A 203 -28.47 22.72 -17.48
N GLU A 204 -28.24 22.31 -16.24
CA GLU A 204 -27.03 21.56 -15.92
C GLU A 204 -26.98 20.26 -16.72
N VAL A 205 -28.12 19.55 -16.79
CA VAL A 205 -28.17 18.31 -17.56
C VAL A 205 -27.92 18.58 -19.02
N GLN A 206 -28.43 19.70 -19.54
CA GLN A 206 -28.24 20.02 -20.96
C GLN A 206 -26.80 20.45 -21.26
N GLU A 207 -26.12 21.10 -20.31
CA GLU A 207 -24.72 21.47 -20.54
C GLU A 207 -23.86 20.24 -20.77
N ILE A 208 -24.04 19.23 -19.92
CA ILE A 208 -23.30 17.98 -20.08
C ILE A 208 -23.67 17.31 -21.40
N LYS A 209 -24.97 17.31 -21.73
CA LYS A 209 -25.42 16.70 -22.99
C LYS A 209 -24.76 17.36 -24.18
N GLU A 210 -24.51 18.67 -24.11
CA GLU A 210 -23.99 19.42 -25.25
C GLU A 210 -22.48 19.37 -25.35
N LYS A 211 -21.78 19.56 -24.22
CA LYS A 211 -20.33 19.67 -24.23
C LYS A 211 -19.63 18.34 -23.97
N ILE A 212 -20.31 17.42 -23.30
CA ILE A 212 -19.75 16.10 -23.02
C ILE A 212 -20.26 15.06 -24.00
N LEU A 213 -21.53 15.14 -24.37
CA LEU A 213 -22.12 14.08 -25.17
C LEU A 213 -22.20 14.42 -26.65
N ASN A 214 -21.86 15.66 -27.04
CA ASN A 214 -21.96 16.14 -28.41
C ASN A 214 -23.42 16.27 -28.83
N SER A 215 -24.35 16.13 -27.88
CA SER A 215 -25.79 16.08 -28.13
C SER A 215 -26.19 14.78 -28.83
N ASP A 216 -25.42 13.71 -28.66
CA ASP A 216 -25.74 12.43 -29.27
C ASP A 216 -26.45 11.48 -28.33
N TYR A 217 -26.49 11.79 -27.03
CA TYR A 217 -27.11 10.95 -26.03
C TYR A 217 -27.72 11.85 -24.97
N ASP A 218 -28.53 11.26 -24.09
CA ASP A 218 -28.99 11.94 -22.89
C ASP A 218 -28.24 11.40 -21.68
N VAL A 219 -28.01 12.28 -20.70
CA VAL A 219 -27.28 11.88 -19.50
C VAL A 219 -27.94 10.69 -18.84
N GLU A 220 -29.26 10.56 -18.95
CA GLU A 220 -29.95 9.40 -18.39
C GLU A 220 -29.51 8.10 -19.07
N ASP A 221 -29.03 8.17 -20.32
CA ASP A 221 -28.68 6.94 -21.04
C ASP A 221 -27.65 6.11 -20.29
N PHE A 222 -26.65 6.76 -19.71
CA PHE A 222 -25.52 6.07 -19.10
C PHE A 222 -25.83 5.52 -17.71
N PHE A 223 -27.10 5.53 -17.32
CA PHE A 223 -27.48 4.93 -16.06
C PHE A 223 -28.59 3.92 -16.27
N GLU A 224 -28.76 3.48 -17.50
CA GLU A 224 -29.61 2.35 -17.84
C GLU A 224 -28.73 1.13 -18.11
N GLY A 225 -29.24 -0.04 -17.75
CA GLY A 225 -28.48 -1.25 -17.91
C GLY A 225 -28.02 -1.49 -19.34
N GLU A 226 -28.94 -1.36 -20.30
CA GLU A 226 -28.66 -1.76 -21.68
C GLU A 226 -27.45 -1.00 -22.25
N PHE A 227 -27.07 0.12 -21.65
CA PHE A 227 -26.03 1.00 -22.16
C PHE A 227 -24.62 0.59 -21.76
N PHE A 228 -24.46 -0.42 -20.92
CA PHE A 228 -23.13 -0.75 -20.41
C PHE A 228 -22.15 -1.05 -21.54
N ASN A 229 -22.64 -1.51 -22.69
CA ASN A 229 -21.75 -1.87 -23.78
C ASN A 229 -20.92 -0.68 -24.25
N PHE A 230 -21.49 0.52 -24.19
CA PHE A 230 -20.81 1.74 -24.65
C PHE A 230 -19.52 2.00 -23.90
N VAL A 231 -19.37 1.39 -22.74
CA VAL A 231 -18.36 1.74 -21.77
C VAL A 231 -17.34 0.61 -21.61
N LEU A 232 -17.33 -0.34 -22.56
CA LEU A 232 -16.35 -1.42 -22.54
C LEU A 232 -14.98 -0.96 -23.02
N THR A 233 -14.93 0.09 -23.85
CA THR A 233 -13.66 0.63 -24.32
C THR A 233 -13.32 1.91 -23.59
N GLN A 234 -12.04 2.27 -23.67
CA GLN A 234 -11.57 3.47 -23.01
C GLN A 234 -12.31 4.70 -23.53
N GLU A 235 -12.48 4.78 -24.84
CA GLU A 235 -13.19 5.91 -25.44
C GLU A 235 -14.52 6.13 -24.75
N GLY A 236 -15.22 5.03 -24.45
CA GLY A 236 -16.50 5.12 -23.78
C GLY A 236 -16.35 5.44 -22.31
N ILE A 237 -15.41 4.76 -21.64
CA ILE A 237 -15.15 5.06 -20.24
C ILE A 237 -14.85 6.53 -20.06
N ASP A 238 -14.03 7.10 -20.95
CA ASP A 238 -13.67 8.50 -20.84
C ASP A 238 -14.91 9.40 -20.91
N VAL A 239 -15.86 9.08 -21.81
CA VAL A 239 -17.11 9.84 -21.88
C VAL A 239 -17.88 9.74 -20.57
N TYR A 240 -18.12 8.49 -20.12
CA TYR A 240 -18.80 8.25 -18.85
C TYR A 240 -18.18 9.05 -17.71
N ASN A 241 -16.86 8.93 -17.56
CA ASN A 241 -16.19 9.61 -16.46
C ASN A 241 -16.29 11.13 -16.60
N ALA A 242 -16.39 11.64 -17.82
CA ALA A 242 -16.62 13.07 -17.99
C ALA A 242 -18.01 13.47 -17.49
N ILE A 243 -19.04 12.67 -17.78
CA ILE A 243 -20.34 12.90 -17.17
C ILE A 243 -20.21 13.05 -15.66
N ILE A 244 -19.39 12.20 -15.03
CA ILE A 244 -19.25 12.20 -13.59
C ILE A 244 -18.41 13.38 -13.12
N GLY A 245 -17.38 13.73 -13.88
CA GLY A 245 -16.31 14.57 -13.36
C GLY A 245 -16.08 15.86 -14.09
N GLY A 246 -16.69 16.03 -15.26
CA GLY A 246 -16.48 17.20 -16.06
C GLY A 246 -15.13 17.19 -16.76
N PHE A 247 -14.82 18.31 -17.41
CA PHE A 247 -13.54 18.50 -18.07
C PHE A 247 -13.20 19.97 -18.10
N VAL A 248 -11.97 20.27 -18.51
CA VAL A 248 -11.47 21.62 -18.62
C VAL A 248 -11.37 21.96 -20.12
N THR A 249 -12.01 23.05 -20.52
CA THR A 249 -12.06 23.46 -21.92
C THR A 249 -10.72 24.04 -22.37
N GLU A 250 -10.59 24.28 -23.68
CA GLU A 250 -9.37 24.90 -24.22
C GLU A 250 -9.14 26.30 -23.66
N SER A 251 -10.17 26.94 -23.11
CA SER A 251 -10.07 28.25 -22.50
C SER A 251 -9.86 28.19 -20.99
N GLY A 252 -9.98 27.01 -20.39
CA GLY A 252 -9.72 26.83 -18.98
C GLY A 252 -10.94 26.74 -18.10
N GLU A 253 -12.11 27.15 -18.61
CA GLU A 253 -13.38 26.94 -17.91
C GLU A 253 -13.51 25.49 -17.44
N LYS A 254 -13.85 25.31 -16.15
CA LYS A 254 -14.09 23.97 -15.62
C LYS A 254 -15.56 23.62 -15.77
N ILE A 255 -15.89 22.91 -16.86
CA ILE A 255 -17.22 22.34 -17.03
C ILE A 255 -17.50 21.34 -15.91
N LYS A 256 -18.66 21.45 -15.28
CA LYS A 256 -18.99 20.62 -14.12
C LYS A 256 -19.66 19.32 -14.54
N GLY A 257 -19.29 18.24 -13.84
CA GLY A 257 -19.95 16.96 -13.95
C GLY A 257 -20.82 16.69 -12.72
N LEU A 258 -21.52 15.55 -12.78
CA LEU A 258 -22.54 15.23 -11.78
C LEU A 258 -22.00 15.30 -10.35
N ASN A 259 -20.79 14.80 -10.11
CA ASN A 259 -20.29 14.79 -8.74
C ASN A 259 -20.14 16.20 -8.20
N GLU A 260 -19.70 17.13 -9.03
CA GLU A 260 -19.63 18.52 -8.58
C GLU A 260 -21.01 19.03 -8.18
N TYR A 261 -22.02 18.77 -9.02
CA TYR A 261 -23.37 19.22 -8.69
C TYR A 261 -23.90 18.55 -7.42
N ILE A 262 -23.53 17.28 -7.19
CA ILE A 262 -23.95 16.64 -5.95
C ILE A 262 -23.27 17.29 -4.75
N ASN A 263 -21.99 17.60 -4.88
CA ASN A 263 -21.29 18.21 -3.75
C ASN A 263 -21.84 19.60 -3.43
N LEU A 264 -22.06 20.43 -4.47
CA LEU A 264 -22.64 21.75 -4.25
C LEU A 264 -23.99 21.66 -3.58
N TYR A 265 -24.85 20.74 -4.04
CA TYR A 265 -26.16 20.55 -3.41
C TYR A 265 -26.03 20.14 -1.95
N ASN A 266 -25.12 19.20 -1.67
CA ASN A 266 -24.85 18.82 -0.29
C ASN A 266 -24.41 20.00 0.55
N GLN A 267 -23.48 20.80 0.03
CA GLN A 267 -22.93 21.89 0.82
C GLN A 267 -23.94 23.01 0.98
N LYS A 268 -24.78 23.20 -0.05
CA LYS A 268 -25.86 24.18 0.04
C LYS A 268 -26.88 23.79 1.10
N THR A 269 -27.26 22.51 1.14
CA THR A 269 -28.39 22.07 1.94
C THR A 269 -27.99 21.24 3.16
N LYS A 270 -26.70 21.17 3.49
CA LYS A 270 -26.21 20.49 4.68
C LYS A 270 -26.48 18.99 4.63
N GLN A 271 -26.69 18.44 3.44
CA GLN A 271 -27.05 17.05 3.27
C GLN A 271 -25.85 16.22 2.85
N LYS A 272 -26.06 14.90 2.77
CA LYS A 272 -25.02 13.95 2.42
C LYS A 272 -25.54 12.96 1.39
N LEU A 273 -25.96 13.47 0.24
CA LEU A 273 -26.22 12.61 -0.90
C LEU A 273 -24.93 11.92 -1.33
N PRO A 274 -25.00 10.66 -1.75
CA PRO A 274 -23.77 9.96 -2.19
C PRO A 274 -23.35 10.41 -3.58
N LYS A 275 -22.03 10.33 -3.83
CA LYS A 275 -21.42 10.63 -5.12
C LYS A 275 -21.19 9.35 -5.96
N PHE A 276 -20.97 9.55 -7.26
CA PHE A 276 -20.76 8.45 -8.21
C PHE A 276 -19.32 7.94 -8.20
N LYS A 277 -19.15 6.65 -8.46
CA LYS A 277 -17.76 6.17 -8.61
C LYS A 277 -17.36 6.20 -10.08
N PRO A 278 -16.19 6.72 -10.41
CA PRO A 278 -15.77 6.68 -11.82
C PRO A 278 -15.32 5.27 -12.21
N LEU A 279 -15.42 4.98 -13.49
CA LEU A 279 -14.99 3.67 -13.97
C LEU A 279 -13.47 3.60 -14.08
N TYR A 280 -12.93 2.39 -13.91
CA TYR A 280 -11.50 2.12 -14.08
C TYR A 280 -11.12 2.06 -15.56
N LYS A 281 -9.82 2.16 -15.83
CA LYS A 281 -9.37 2.18 -17.22
C LYS A 281 -9.51 0.80 -17.84
N GLN A 282 -9.66 0.77 -19.15
CA GLN A 282 -9.59 -0.48 -19.89
C GLN A 282 -8.14 -0.90 -20.05
N VAL A 283 -7.89 -2.19 -19.87
CA VAL A 283 -6.54 -2.75 -19.92
C VAL A 283 -5.87 -2.41 -21.24
N LEU A 284 -4.63 -1.90 -21.14
CA LEU A 284 -3.70 -1.65 -22.24
C LEU A 284 -4.03 -0.40 -23.02
N SER A 285 -4.99 0.41 -22.56
CA SER A 285 -5.27 1.66 -23.25
C SER A 285 -4.30 2.75 -22.79
N ASP A 286 -4.17 3.77 -23.63
CA ASP A 286 -3.69 5.07 -23.15
C ASP A 286 -4.31 6.11 -24.07
N ARG A 287 -5.40 6.71 -23.60
CA ARG A 287 -6.04 7.77 -24.34
C ARG A 287 -5.74 9.11 -23.69
N GLU A 288 -5.78 10.16 -24.51
CA GLU A 288 -5.60 11.51 -24.02
C GLU A 288 -6.72 11.84 -23.05
N SER A 289 -6.40 12.70 -22.09
CA SER A 289 -7.42 13.33 -21.26
C SER A 289 -8.38 14.16 -22.12
N LEU A 290 -9.65 14.16 -21.73
CA LEU A 290 -10.61 15.07 -22.33
C LEU A 290 -10.48 16.50 -21.80
N SER A 291 -9.62 16.75 -20.81
CA SER A 291 -9.37 18.10 -20.32
C SER A 291 -8.14 18.68 -21.01
N PHE A 292 -8.15 19.99 -21.20
CA PHE A 292 -7.04 20.69 -21.85
C PHE A 292 -6.05 21.17 -20.80
N TYR A 293 -4.77 20.83 -20.97
CA TYR A 293 -3.71 21.36 -20.14
C TYR A 293 -2.63 21.91 -21.05
N GLY A 294 -2.15 23.11 -20.75
CA GLY A 294 -1.25 23.80 -21.65
C GLY A 294 0.14 23.20 -21.70
N GLU A 295 0.86 23.55 -22.77
CA GLU A 295 2.20 23.07 -22.99
C GLU A 295 3.12 23.48 -21.84
N GLY A 296 3.97 22.55 -21.42
CA GLY A 296 4.90 22.77 -20.33
C GLY A 296 6.33 22.84 -20.81
N TYR A 297 7.15 23.58 -20.05
CA TYR A 297 8.55 23.78 -20.38
C TYR A 297 9.30 22.45 -20.43
N THR A 298 10.43 22.44 -21.16
CA THR A 298 11.09 21.18 -21.50
C THR A 298 12.60 21.15 -21.32
N SER A 299 13.25 22.25 -20.99
CA SER A 299 14.71 22.28 -20.90
C SER A 299 15.13 23.18 -19.75
N ASP A 300 16.23 22.82 -19.10
CA ASP A 300 16.85 23.71 -18.11
C ASP A 300 17.06 25.11 -18.66
N GLU A 301 17.27 25.22 -19.97
CA GLU A 301 17.48 26.53 -20.56
C GLU A 301 16.18 27.31 -20.64
N GLU A 302 15.13 26.69 -21.18
CA GLU A 302 13.87 27.40 -21.39
C GLU A 302 13.28 27.93 -20.08
N VAL A 303 13.37 27.13 -19.01
CA VAL A 303 12.84 27.57 -17.72
C VAL A 303 13.58 28.80 -17.23
N LEU A 304 14.92 28.76 -17.30
CA LEU A 304 15.72 29.94 -16.98
C LEU A 304 15.39 31.11 -17.89
N GLU A 305 15.04 30.86 -19.16
CA GLU A 305 14.63 31.96 -20.02
C GLU A 305 13.33 32.57 -19.52
N VAL A 306 12.29 31.74 -19.33
CA VAL A 306 10.99 32.26 -18.93
C VAL A 306 11.10 32.97 -17.60
N PHE A 307 11.89 32.41 -16.67
CA PHE A 307 11.99 33.01 -15.35
C PHE A 307 12.61 34.40 -15.42
N ARG A 308 13.75 34.53 -16.10
CA ARG A 308 14.40 35.84 -16.18
C ARG A 308 13.59 36.80 -17.05
N ASN A 309 12.99 36.32 -18.14
CA ASN A 309 12.20 37.18 -19.01
C ASN A 309 11.01 37.77 -18.27
N THR A 310 10.16 36.90 -17.71
CA THR A 310 8.87 37.33 -17.24
C THR A 310 8.88 37.85 -15.81
N LEU A 311 9.89 37.53 -15.01
CA LEU A 311 9.88 37.89 -13.60
C LEU A 311 11.03 38.82 -13.22
N ASN A 312 11.72 39.42 -14.18
CA ASN A 312 12.74 40.40 -13.83
C ASN A 312 12.09 41.74 -13.51
N LYS A 313 12.90 42.68 -13.00
CA LYS A 313 12.35 43.97 -12.59
C LYS A 313 11.82 44.79 -13.77
N ASN A 314 12.43 44.67 -14.96
CA ASN A 314 11.91 45.35 -16.14
C ASN A 314 10.63 44.71 -16.66
N SER A 315 10.37 43.45 -16.31
CA SER A 315 9.21 42.74 -16.80
C SER A 315 7.92 43.46 -16.43
N GLU A 316 6.89 43.20 -17.24
CA GLU A 316 5.59 43.81 -17.01
C GLU A 316 4.96 43.34 -15.70
N ILE A 317 5.06 42.04 -15.38
CA ILE A 317 4.47 41.51 -14.14
C ILE A 317 4.92 42.33 -12.96
N PHE A 318 6.21 42.66 -12.91
CA PHE A 318 6.76 43.46 -11.83
C PHE A 318 6.11 44.84 -11.79
N SER A 319 5.96 45.50 -12.95
CA SER A 319 5.40 46.85 -12.94
C SER A 319 3.95 46.85 -12.47
N SER A 320 3.19 45.79 -12.79
CA SER A 320 1.82 45.69 -12.30
C SER A 320 1.77 45.63 -10.77
N ILE A 321 2.74 44.95 -10.15
CA ILE A 321 2.80 44.95 -8.68
C ILE A 321 2.94 46.39 -8.16
N LYS A 322 3.93 47.11 -8.67
CA LYS A 322 4.07 48.51 -8.25
C LYS A 322 2.90 49.36 -8.72
N LYS A 323 2.32 49.06 -9.89
CA LYS A 323 1.08 49.72 -10.29
C LYS A 323 -0.01 49.49 -9.25
N LEU A 324 -0.07 48.29 -8.67
CA LEU A 324 -1.10 47.97 -7.69
C LEU A 324 -0.77 48.55 -6.31
N GLU A 325 0.51 48.58 -5.94
CA GLU A 325 0.89 49.22 -4.68
C GLU A 325 0.58 50.71 -4.70
N LYS A 326 0.89 51.39 -5.82
CA LYS A 326 0.51 52.79 -5.93
C LYS A 326 -0.99 52.96 -5.90
N LEU A 327 -1.74 51.99 -6.44
CA LEU A 327 -3.19 52.04 -6.38
C LEU A 327 -3.67 52.07 -4.92
N PHE A 328 -3.17 51.14 -4.10
CA PHE A 328 -3.59 51.09 -2.70
C PHE A 328 -3.00 52.24 -1.89
N LYS A 329 -1.75 52.67 -2.20
CA LYS A 329 -1.13 53.74 -1.41
C LYS A 329 -1.93 55.03 -1.47
N ASN A 330 -2.56 55.31 -2.61
CA ASN A 330 -3.43 56.46 -2.75
C ASN A 330 -4.89 56.05 -2.61
N PHE A 331 -5.20 55.24 -1.59
CA PHE A 331 -6.57 54.75 -1.41
C PHE A 331 -7.55 55.89 -1.23
N ASP A 332 -7.13 56.96 -0.53
CA ASP A 332 -8.01 58.06 -0.19
C ASP A 332 -8.46 58.87 -1.40
N GLU A 333 -7.82 58.71 -2.56
CA GLU A 333 -8.26 59.37 -3.78
C GLU A 333 -9.41 58.63 -4.45
N TYR A 334 -9.92 57.59 -3.81
CA TYR A 334 -10.95 56.72 -4.36
C TYR A 334 -12.07 56.56 -3.35
N SER A 335 -13.29 56.33 -3.85
CA SER A 335 -14.44 56.12 -2.99
C SER A 335 -14.41 54.71 -2.42
N SER A 336 -14.42 54.60 -1.09
CA SER A 336 -14.48 53.29 -0.45
C SER A 336 -15.87 52.68 -0.52
N ALA A 337 -16.87 53.42 -0.99
CA ALA A 337 -18.17 52.85 -1.30
C ALA A 337 -18.18 52.12 -2.62
N GLY A 338 -17.26 52.45 -3.52
CA GLY A 338 -17.14 51.84 -4.84
C GLY A 338 -16.09 50.75 -4.97
N ILE A 339 -15.45 50.35 -3.87
CA ILE A 339 -14.47 49.27 -3.87
C ILE A 339 -15.09 48.08 -3.15
N PHE A 340 -15.12 46.92 -3.81
CA PHE A 340 -15.92 45.80 -3.35
C PHE A 340 -15.10 44.53 -3.16
N VAL A 341 -15.35 43.86 -2.05
CA VAL A 341 -14.79 42.55 -1.74
C VAL A 341 -15.90 41.53 -1.93
N LYS A 342 -15.76 40.67 -2.93
CA LYS A 342 -16.81 39.70 -3.23
C LYS A 342 -17.05 38.76 -2.03
N ASN A 343 -18.31 38.45 -1.80
CA ASN A 343 -18.68 37.55 -0.72
C ASN A 343 -18.24 36.13 -1.06
N GLY A 344 -17.73 35.43 -0.04
CA GLY A 344 -17.10 34.14 -0.24
C GLY A 344 -15.67 34.15 0.26
N PRO A 345 -14.80 33.41 -0.42
CA PRO A 345 -13.40 33.35 0.04
C PRO A 345 -12.70 34.71 0.09
N ALA A 346 -13.03 35.65 -0.80
CA ALA A 346 -12.44 36.99 -0.69
C ALA A 346 -12.77 37.64 0.66
N ILE A 347 -14.03 37.56 1.07
CA ILE A 347 -14.41 38.09 2.39
C ILE A 347 -13.73 37.31 3.50
N SER A 348 -13.61 35.99 3.35
CA SER A 348 -12.89 35.20 4.35
C SER A 348 -11.46 35.68 4.48
N THR A 349 -10.77 35.88 3.36
CA THR A 349 -9.40 36.38 3.38
C THR A 349 -9.32 37.74 4.06
N ILE A 350 -10.06 38.72 3.54
CA ILE A 350 -10.01 40.07 4.10
C ILE A 350 -10.41 40.06 5.56
N SER A 351 -11.30 39.14 5.96
CA SER A 351 -11.68 39.07 7.36
C SER A 351 -10.50 38.67 8.24
N LYS A 352 -9.79 37.60 7.85
CA LYS A 352 -8.59 37.20 8.59
C LYS A 352 -7.53 38.30 8.55
N ASP A 353 -7.31 38.91 7.39
CA ASP A 353 -6.24 39.89 7.24
C ASP A 353 -6.46 41.10 8.14
N ILE A 354 -7.70 41.46 8.40
CA ILE A 354 -8.02 42.71 9.09
C ILE A 354 -8.42 42.48 10.54
N PHE A 355 -9.12 41.38 10.83
CA PHE A 355 -9.55 41.10 12.20
C PHE A 355 -8.92 39.87 12.83
N GLY A 356 -8.24 39.02 12.06
CA GLY A 356 -7.51 37.91 12.64
C GLY A 356 -8.13 36.55 12.44
N GLU A 357 -9.39 36.49 12.03
CA GLU A 357 -10.05 35.22 11.74
C GLU A 357 -10.97 35.39 10.55
N TRP A 358 -11.11 34.29 9.81
CA TRP A 358 -11.85 34.29 8.55
C TRP A 358 -13.32 34.63 8.73
N ASN A 359 -13.88 34.39 9.91
CA ASN A 359 -15.32 34.46 10.14
C ASN A 359 -15.78 35.72 10.87
N VAL A 360 -14.87 36.66 11.19
CA VAL A 360 -15.25 37.85 11.96
C VAL A 360 -16.29 38.69 11.22
N ILE A 361 -16.14 38.82 9.90
CA ILE A 361 -17.07 39.65 9.14
C ILE A 361 -18.49 39.06 9.18
N ARG A 362 -18.60 37.74 8.98
CA ARG A 362 -19.88 37.06 9.10
C ARG A 362 -20.50 37.27 10.48
N ASP A 363 -19.69 37.17 11.54
CA ASP A 363 -20.20 37.40 12.89
C ASP A 363 -20.71 38.82 13.08
N LYS A 364 -19.95 39.81 12.60
CA LYS A 364 -20.42 41.19 12.71
C LYS A 364 -21.69 41.39 11.90
N TRP A 365 -21.75 40.77 10.71
CA TRP A 365 -22.97 40.83 9.92
C TRP A 365 -24.11 40.10 10.61
N ASN A 366 -23.83 38.91 11.19
CA ASN A 366 -24.87 38.18 11.92
C ASN A 366 -25.39 39.00 13.09
N ALA A 367 -24.48 39.70 13.79
CA ALA A 367 -24.92 40.53 14.90
C ALA A 367 -25.86 41.63 14.44
N GLU A 368 -25.61 42.20 13.26
CA GLU A 368 -26.50 43.27 12.82
C GLU A 368 -27.83 42.71 12.33
N TYR A 369 -27.79 41.53 11.69
CA TYR A 369 -29.01 40.84 11.35
C TYR A 369 -29.84 40.55 12.59
N ASP A 370 -29.19 40.09 13.67
CA ASP A 370 -29.90 39.82 14.91
C ASP A 370 -30.56 41.06 15.47
N ASP A 371 -29.93 42.23 15.31
CA ASP A 371 -30.52 43.49 15.79
C ASP A 371 -31.91 43.74 15.21
N ILE A 372 -32.17 43.28 14.00
CA ILE A 372 -33.47 43.50 13.38
C ILE A 372 -34.43 42.36 13.69
N HIS A 373 -33.96 41.12 13.54
CA HIS A 373 -34.85 39.96 13.49
C HIS A 373 -34.91 39.15 14.78
N LEU A 374 -34.01 39.35 15.74
CA LEU A 374 -34.08 38.60 16.99
C LEU A 374 -34.87 39.37 18.06
N VAL A 380 -33.85 30.86 19.84
CA VAL A 380 -32.99 30.93 18.65
C VAL A 380 -33.01 29.59 17.89
N THR A 381 -34.10 29.38 17.14
CA THR A 381 -34.36 28.17 16.40
C THR A 381 -33.22 27.80 15.46
N GLU A 382 -33.23 26.56 14.96
CA GLU A 382 -32.46 26.26 13.76
C GLU A 382 -33.10 26.91 12.55
N LYS A 383 -34.42 27.11 12.58
CA LYS A 383 -35.09 27.88 11.54
C LYS A 383 -34.43 29.24 11.37
N TYR A 384 -34.23 29.94 12.49
CA TYR A 384 -33.64 31.27 12.49
C TYR A 384 -32.25 31.27 11.82
N GLU A 385 -31.36 30.39 12.27
CA GLU A 385 -30.01 30.42 11.74
C GLU A 385 -29.98 30.06 10.26
N ASP A 386 -30.94 29.26 9.80
CA ASP A 386 -30.91 28.88 8.41
C ASP A 386 -31.41 30.02 7.53
N ASP A 387 -32.43 30.73 8.01
CA ASP A 387 -32.87 31.93 7.32
C ASP A 387 -31.77 32.99 7.32
N ARG A 388 -31.03 33.10 8.43
CA ARG A 388 -29.95 34.06 8.47
C ARG A 388 -28.88 33.69 7.47
N ARG A 389 -28.54 32.39 7.38
CA ARG A 389 -27.56 31.93 6.41
C ARG A 389 -28.01 32.25 4.99
N LYS A 390 -29.28 31.96 4.68
CA LYS A 390 -29.79 32.19 3.33
C LYS A 390 -29.75 33.68 3.00
N SER A 391 -30.11 34.52 3.98
CA SER A 391 -30.07 35.96 3.77
C SER A 391 -28.65 36.45 3.56
N PHE A 392 -27.70 35.94 4.34
CA PHE A 392 -26.30 36.31 4.14
C PHE A 392 -25.77 35.84 2.79
N LYS A 393 -26.11 34.61 2.37
CA LYS A 393 -25.53 34.10 1.13
C LYS A 393 -26.07 34.83 -0.10
N LYS A 394 -27.21 35.51 0.03
CA LYS A 394 -27.71 36.32 -1.07
C LYS A 394 -26.86 37.55 -1.34
N ILE A 395 -26.08 38.01 -0.35
CA ILE A 395 -25.27 39.21 -0.54
C ILE A 395 -24.08 38.90 -1.45
N GLY A 396 -23.92 39.71 -2.50
CA GLY A 396 -22.93 39.48 -3.53
C GLY A 396 -21.54 40.00 -3.20
N SER A 397 -21.45 41.13 -2.48
CA SER A 397 -20.16 41.68 -2.11
C SER A 397 -20.34 42.71 -0.99
N PHE A 398 -19.22 43.10 -0.40
CA PHE A 398 -19.18 44.15 0.61
C PHE A 398 -18.27 45.29 0.18
N SER A 399 -18.72 46.52 0.38
CA SER A 399 -17.87 47.66 0.11
C SER A 399 -16.86 47.83 1.23
N LEU A 400 -15.79 48.59 0.93
CA LEU A 400 -14.85 48.94 1.99
C LEU A 400 -15.51 49.84 3.02
N GLU A 401 -16.40 50.74 2.57
CA GLU A 401 -17.15 51.58 3.50
C GLU A 401 -17.96 50.73 4.46
N GLN A 402 -18.68 49.73 3.94
CA GLN A 402 -19.42 48.82 4.81
C GLN A 402 -18.48 48.10 5.77
N LEU A 403 -17.36 47.59 5.24
CA LEU A 403 -16.38 46.94 6.09
C LEU A 403 -15.93 47.87 7.21
N GLN A 404 -15.78 49.17 6.89
CA GLN A 404 -15.35 50.14 7.90
C GLN A 404 -16.31 50.19 9.08
N GLU A 405 -17.61 50.14 8.82
CA GLU A 405 -18.59 50.18 9.90
C GLU A 405 -18.49 48.97 10.83
N TYR A 406 -17.91 47.86 10.40
CA TYR A 406 -17.68 46.72 11.29
C TYR A 406 -16.44 46.88 12.16
N ALA A 407 -15.49 47.72 11.76
CA ALA A 407 -14.25 47.88 12.50
C ALA A 407 -14.51 48.48 13.88
N ASP A 408 -13.76 47.98 14.88
CA ASP A 408 -13.75 48.60 16.20
C ASP A 408 -13.33 50.07 16.09
N ALA A 409 -13.55 50.82 17.16
CA ALA A 409 -13.30 52.26 17.12
C ALA A 409 -11.86 52.58 16.76
N ASP A 410 -10.90 51.80 17.28
CA ASP A 410 -9.48 52.10 17.08
C ASP A 410 -8.96 51.68 15.71
N LEU A 411 -9.47 50.60 15.13
CA LEU A 411 -8.99 50.08 13.85
C LEU A 411 -9.55 50.88 12.66
N SER A 412 -8.70 51.15 11.67
CA SER A 412 -9.13 51.69 10.39
C SER A 412 -8.92 50.64 9.30
N VAL A 413 -9.98 50.40 8.51
CA VAL A 413 -9.94 49.30 7.54
C VAL A 413 -9.06 49.64 6.35
N VAL A 414 -9.18 50.86 5.83
CA VAL A 414 -8.42 51.23 4.64
C VAL A 414 -6.94 51.42 4.98
N GLU A 415 -6.62 51.89 6.19
CA GLU A 415 -5.22 51.97 6.59
C GLU A 415 -4.60 50.58 6.68
N LYS A 416 -5.37 49.60 7.16
CA LYS A 416 -4.84 48.25 7.35
C LYS A 416 -4.55 47.57 6.02
N LEU A 417 -5.39 47.83 5.01
CA LEU A 417 -5.16 47.29 3.68
C LEU A 417 -3.87 47.84 3.06
N LYS A 418 -3.62 49.14 3.24
CA LYS A 418 -2.34 49.71 2.82
C LYS A 418 -1.20 49.00 3.53
N GLU A 419 -1.30 48.87 4.86
CA GLU A 419 -0.24 48.24 5.63
C GLU A 419 0.05 46.83 5.13
N ILE A 420 -0.98 46.06 4.76
CA ILE A 420 -0.77 44.68 4.31
C ILE A 420 -0.09 44.65 2.95
N ILE A 421 -0.62 45.41 1.98
CA ILE A 421 -0.03 45.39 0.65
C ILE A 421 1.40 45.90 0.68
N ILE A 422 1.68 46.87 1.57
CA ILE A 422 3.06 47.28 1.79
C ILE A 422 3.88 46.08 2.26
N GLN A 423 3.35 45.32 3.22
CA GLN A 423 4.12 44.21 3.77
C GLN A 423 4.35 43.13 2.74
N LYS A 424 3.46 43.02 1.75
CA LYS A 424 3.62 41.98 0.74
C LYS A 424 4.57 42.41 -0.39
N VAL A 425 4.59 43.68 -0.76
CA VAL A 425 5.54 44.09 -1.79
C VAL A 425 6.96 44.05 -1.23
N ASP A 426 7.14 44.52 0.02
CA ASP A 426 8.43 44.39 0.70
C ASP A 426 8.95 42.96 0.64
N GLU A 427 8.09 41.98 0.95
CA GLU A 427 8.52 40.59 0.93
C GLU A 427 8.93 40.14 -0.46
N ILE A 428 8.36 40.73 -1.51
CA ILE A 428 8.81 40.44 -2.87
C ILE A 428 10.20 41.03 -3.09
N TYR A 429 10.46 42.20 -2.51
CA TYR A 429 11.78 42.82 -2.63
C TYR A 429 12.83 42.05 -1.84
N LYS A 430 12.54 41.71 -0.58
CA LYS A 430 13.39 40.83 0.21
C LYS A 430 13.84 39.61 -0.59
N VAL A 431 12.93 39.06 -1.40
CA VAL A 431 13.27 37.87 -2.18
C VAL A 431 14.10 38.23 -3.40
N TYR A 432 13.87 39.39 -4.01
CA TYR A 432 14.76 39.85 -5.06
C TYR A 432 16.19 40.04 -4.54
N GLY A 433 16.32 40.52 -3.30
CA GLY A 433 17.61 40.75 -2.69
C GLY A 433 18.49 39.53 -2.63
N SER A 434 17.90 38.35 -2.77
CA SER A 434 18.64 37.10 -2.87
C SER A 434 18.69 36.56 -4.30
N SER A 435 18.15 37.30 -5.26
CA SER A 435 17.99 36.77 -6.60
C SER A 435 18.59 37.63 -7.71
N GLU A 436 19.20 38.78 -7.39
CA GLU A 436 19.86 39.55 -8.44
C GLU A 436 20.94 38.74 -9.14
N LYS A 437 21.47 37.71 -8.46
CA LYS A 437 22.51 36.88 -9.05
C LYS A 437 21.96 35.96 -10.15
N LEU A 438 20.85 35.27 -9.87
CA LEU A 438 20.23 34.39 -10.85
C LEU A 438 19.74 35.13 -12.10
N PHE A 439 19.57 36.44 -12.03
CA PHE A 439 18.94 37.23 -13.09
C PHE A 439 19.94 37.76 -14.11
N ASP A 440 21.10 38.27 -13.66
CA ASP A 440 21.98 39.05 -14.51
C ASP A 440 22.45 38.26 -15.73
N ALA A 441 22.81 38.99 -16.79
CA ALA A 441 23.10 38.37 -18.08
C ALA A 441 24.22 37.35 -17.96
N ASP A 442 25.23 37.63 -17.12
CA ASP A 442 26.40 36.78 -17.02
C ASP A 442 26.06 35.35 -16.59
N PHE A 443 24.97 35.18 -15.82
CA PHE A 443 24.74 33.93 -15.11
C PHE A 443 24.57 32.75 -16.05
N VAL A 444 25.25 31.64 -15.70
CA VAL A 444 25.02 30.32 -16.28
C VAL A 444 25.02 29.34 -15.11
N LEU A 445 24.28 28.24 -15.26
CA LEU A 445 24.02 27.37 -14.12
C LEU A 445 25.04 26.24 -14.04
N GLU A 446 25.31 25.81 -12.81
CA GLU A 446 26.32 24.79 -12.54
C GLU A 446 25.72 23.39 -12.68
N LYS A 447 24.75 23.04 -11.85
CA LYS A 447 24.06 21.76 -11.91
C LYS A 447 22.69 21.91 -12.57
N SER A 448 22.08 20.78 -12.90
CA SER A 448 20.75 20.79 -13.51
C SER A 448 19.69 21.18 -12.49
N LEU A 449 18.67 21.91 -12.97
CA LEU A 449 17.58 22.36 -12.10
C LEU A 449 16.97 21.19 -11.33
N LYS A 450 16.75 20.07 -12.00
CA LYS A 450 16.18 18.92 -11.30
C LYS A 450 17.06 18.45 -10.15
N LYS A 451 18.34 18.84 -10.15
CA LYS A 451 19.26 18.52 -9.07
C LYS A 451 19.88 19.76 -8.43
N ASN A 452 19.66 20.96 -8.98
CA ASN A 452 20.21 22.19 -8.40
C ASN A 452 19.21 22.74 -7.38
N ASP A 453 19.42 22.37 -6.11
CA ASP A 453 18.53 22.86 -5.05
C ASP A 453 18.62 24.37 -4.91
N ALA A 454 19.84 24.92 -5.01
CA ALA A 454 20.03 26.32 -4.62
C ALA A 454 19.35 27.27 -5.59
N VAL A 455 19.18 26.88 -6.85
CA VAL A 455 18.55 27.75 -7.83
C VAL A 455 17.02 27.61 -7.83
N VAL A 456 16.51 26.43 -7.50
CA VAL A 456 15.07 26.26 -7.42
C VAL A 456 14.49 27.04 -6.23
N ALA A 457 15.23 27.09 -5.12
CA ALA A 457 14.74 27.81 -3.94
C ALA A 457 14.67 29.31 -4.19
N ILE A 458 15.60 29.84 -4.97
CA ILE A 458 15.50 31.23 -5.40
C ILE A 458 14.26 31.44 -6.26
N MET A 459 14.03 30.55 -7.23
CA MET A 459 12.87 30.67 -8.09
C MET A 459 11.57 30.51 -7.31
N LYS A 460 11.48 29.44 -6.51
CA LYS A 460 10.25 29.17 -5.78
C LYS A 460 9.92 30.27 -4.79
N ASP A 461 10.92 30.83 -4.11
CA ASP A 461 10.62 31.84 -3.12
C ASP A 461 10.09 33.11 -3.78
N LEU A 462 10.62 33.44 -4.96
CA LEU A 462 10.09 34.59 -5.69
C LEU A 462 8.70 34.28 -6.25
N LEU A 463 8.56 33.13 -6.90
CA LEU A 463 7.23 32.72 -7.37
C LEU A 463 6.22 32.73 -6.24
N ASP A 464 6.60 32.20 -5.07
CA ASP A 464 5.69 32.19 -3.93
C ASP A 464 5.26 33.61 -3.54
N SER A 465 6.24 34.53 -3.44
CA SER A 465 5.91 35.87 -2.96
C SER A 465 5.00 36.63 -3.92
N VAL A 466 5.07 36.31 -5.22
CA VAL A 466 4.17 36.91 -6.19
C VAL A 466 2.78 36.29 -6.11
N LYS A 467 2.70 34.96 -5.99
CA LYS A 467 1.41 34.30 -5.78
C LYS A 467 0.69 34.85 -4.55
N SER A 468 1.43 35.02 -3.46
CA SER A 468 0.83 35.56 -2.25
C SER A 468 0.28 36.98 -2.46
N PHE A 469 1.00 37.81 -3.22
CA PHE A 469 0.49 39.12 -3.55
C PHE A 469 -0.72 39.01 -4.47
N GLU A 470 -0.66 38.08 -5.43
CA GLU A 470 -1.76 37.90 -6.38
C GLU A 470 -3.05 37.54 -5.66
N ASN A 471 -3.01 36.57 -4.74
CA ASN A 471 -4.22 36.12 -4.07
C ASN A 471 -4.83 37.20 -3.18
N TYR A 472 -3.99 38.04 -2.57
CA TYR A 472 -4.52 39.17 -1.79
C TYR A 472 -5.19 40.18 -2.70
N ILE A 473 -4.57 40.48 -3.85
CA ILE A 473 -5.16 41.42 -4.82
C ILE A 473 -6.52 40.93 -5.28
N LYS A 474 -6.62 39.63 -5.63
CA LYS A 474 -7.84 39.05 -6.15
C LYS A 474 -9.05 39.29 -5.24
N ALA A 475 -8.82 39.51 -3.94
CA ALA A 475 -9.94 39.74 -3.02
C ALA A 475 -10.71 41.01 -3.36
N PHE A 476 -10.02 42.01 -3.90
CA PHE A 476 -10.58 43.32 -4.14
C PHE A 476 -11.25 43.45 -5.50
N PHE A 477 -11.36 42.37 -6.26
CA PHE A 477 -12.10 42.46 -7.52
C PHE A 477 -13.56 42.78 -7.28
N GLY A 478 -14.19 42.12 -6.31
CA GLY A 478 -15.62 42.26 -6.10
C GLY A 478 -16.39 41.23 -6.91
N GLU A 479 -17.72 41.41 -6.92
CA GLU A 479 -18.56 40.56 -7.76
C GLU A 479 -18.40 40.91 -9.23
N GLY A 480 -18.16 42.19 -9.53
CA GLY A 480 -17.90 42.66 -10.88
C GLY A 480 -18.99 43.51 -11.46
N LYS A 481 -20.26 43.24 -11.11
CA LYS A 481 -21.42 43.89 -11.71
C LYS A 481 -22.12 44.86 -10.75
N GLU A 482 -21.52 45.16 -9.60
CA GLU A 482 -22.07 46.19 -8.71
C GLU A 482 -22.33 47.46 -9.49
N THR A 483 -23.33 48.23 -9.06
CA THR A 483 -23.66 49.44 -9.80
C THR A 483 -22.65 50.55 -9.53
N ASN A 484 -22.48 50.93 -8.27
CA ASN A 484 -21.70 52.11 -7.92
C ASN A 484 -20.28 51.74 -7.55
N ARG A 485 -19.51 51.28 -8.56
CA ARG A 485 -18.11 50.92 -8.37
C ARG A 485 -17.19 51.93 -9.03
N ASP A 486 -16.25 52.45 -8.25
CA ASP A 486 -15.27 53.44 -8.70
C ASP A 486 -14.45 52.89 -9.86
N GLU A 487 -14.57 53.50 -11.04
CA GLU A 487 -13.81 53.06 -12.20
C GLU A 487 -12.44 53.69 -12.31
N SER A 488 -12.18 54.79 -11.59
CA SER A 488 -10.82 55.34 -11.56
C SER A 488 -9.88 54.38 -10.85
N PHE A 489 -10.42 53.58 -9.92
CA PHE A 489 -9.68 52.48 -9.31
C PHE A 489 -9.71 51.23 -10.19
N TYR A 490 -10.87 50.89 -10.76
CA TYR A 490 -11.04 49.55 -11.34
C TYR A 490 -10.54 49.45 -12.77
N GLY A 491 -10.68 50.49 -13.58
CA GLY A 491 -10.03 50.47 -14.88
C GLY A 491 -8.56 50.14 -14.77
N ASP A 492 -7.86 50.82 -13.84
CA ASP A 492 -6.45 50.56 -13.59
C ASP A 492 -6.23 49.23 -12.86
N PHE A 493 -7.03 48.95 -11.82
CA PHE A 493 -6.89 47.68 -11.10
C PHE A 493 -6.98 46.49 -12.04
N VAL A 494 -8.01 46.46 -12.89
CA VAL A 494 -8.22 45.32 -13.78
C VAL A 494 -7.08 45.21 -14.78
N LEU A 495 -6.51 46.35 -15.20
CA LEU A 495 -5.37 46.35 -16.12
C LEU A 495 -4.17 45.66 -15.47
N ALA A 496 -3.80 46.09 -14.26
CA ALA A 496 -2.64 45.52 -13.58
C ALA A 496 -2.90 44.09 -13.13
N TYR A 497 -4.10 43.81 -12.63
CA TYR A 497 -4.44 42.46 -12.18
C TYR A 497 -4.43 41.46 -13.33
N ASP A 498 -4.94 41.87 -14.49
CA ASP A 498 -5.05 40.93 -15.61
C ASP A 498 -3.68 40.55 -16.16
N ILE A 499 -2.68 41.40 -15.99
CA ILE A 499 -1.34 40.97 -16.41
C ILE A 499 -0.64 40.22 -15.28
N LEU A 500 -0.98 40.51 -14.01
CA LEU A 500 -0.46 39.74 -12.90
C LEU A 500 -0.79 38.26 -13.03
N LEU A 501 -1.95 37.94 -13.61
CA LEU A 501 -2.37 36.55 -13.76
C LEU A 501 -1.45 35.75 -14.66
N LYS A 502 -0.62 36.43 -15.45
CA LYS A 502 0.35 35.72 -16.28
C LYS A 502 1.15 34.72 -15.46
N VAL A 503 1.38 35.05 -14.17
CA VAL A 503 2.21 34.23 -13.29
C VAL A 503 1.60 32.86 -13.03
N ASP A 504 0.32 32.66 -13.34
CA ASP A 504 -0.33 31.37 -13.05
C ASP A 504 0.21 30.24 -13.93
N HIS A 505 0.37 30.50 -15.23
CA HIS A 505 0.89 29.46 -16.12
C HIS A 505 2.38 29.26 -15.90
N ILE A 506 3.10 30.36 -15.66
CA ILE A 506 4.52 30.30 -15.33
C ILE A 506 4.74 29.42 -14.11
N TYR A 507 4.01 29.70 -13.03
CA TYR A 507 4.14 28.95 -11.79
C TYR A 507 3.94 27.46 -12.02
N ASP A 508 2.83 27.09 -12.67
CA ASP A 508 2.56 25.66 -12.87
C ASP A 508 3.60 25.04 -13.77
N ALA A 509 4.01 25.76 -14.81
CA ALA A 509 4.91 25.16 -15.78
C ALA A 509 6.29 24.95 -15.18
N ILE A 510 6.76 25.92 -14.39
CA ILE A 510 8.05 25.78 -13.71
C ILE A 510 8.00 24.65 -12.69
N ARG A 511 6.94 24.60 -11.86
CA ARG A 511 6.82 23.50 -10.90
C ARG A 511 6.83 22.15 -11.60
N ASN A 512 6.04 22.01 -12.67
CA ASN A 512 5.94 20.72 -13.36
C ASN A 512 7.26 20.27 -13.97
N TYR A 513 8.18 21.19 -14.26
CA TYR A 513 9.48 20.78 -14.78
C TYR A 513 10.46 20.45 -13.65
N VAL A 514 10.75 21.46 -12.83
CA VAL A 514 11.77 21.40 -11.79
C VAL A 514 11.56 20.27 -10.77
N THR A 515 10.34 19.75 -10.64
CA THR A 515 10.11 18.64 -9.70
C THR A 515 10.20 17.26 -10.37
N GLN A 516 10.65 17.18 -11.62
CA GLN A 516 10.90 15.87 -12.21
C GLN A 516 12.14 15.23 -11.59
N LYS A 517 12.06 13.93 -11.29
CA LYS A 517 13.27 13.18 -10.93
C LYS A 517 14.08 12.94 -12.19
N PRO A 518 15.39 13.19 -12.16
CA PRO A 518 16.20 12.93 -13.36
C PRO A 518 16.19 11.46 -13.72
N TYR A 519 16.40 11.18 -15.00
CA TYR A 519 16.39 9.82 -15.51
C TYR A 519 17.46 8.96 -14.82
N SER A 520 17.17 7.66 -14.68
CA SER A 520 18.08 6.73 -14.02
C SER A 520 18.05 5.41 -14.75
N LYS A 521 19.21 4.94 -15.21
CA LYS A 521 19.32 3.73 -16.01
C LYS A 521 19.00 2.49 -15.17
N ASP A 522 18.38 1.51 -15.80
CA ASP A 522 18.15 0.25 -15.12
C ASP A 522 19.18 -0.79 -15.56
N LYS A 523 19.30 -1.84 -14.75
CA LYS A 523 20.09 -2.99 -15.14
C LYS A 523 19.47 -3.64 -16.38
N PHE A 524 20.27 -4.44 -17.07
CA PHE A 524 19.75 -5.15 -18.24
C PHE A 524 20.14 -6.62 -18.22
N LYS A 525 19.26 -7.43 -18.77
CA LYS A 525 19.44 -8.87 -18.84
C LYS A 525 20.50 -9.24 -19.87
N LEU A 526 21.28 -10.27 -19.57
CA LEU A 526 22.29 -10.78 -20.50
C LEU A 526 21.82 -12.11 -21.07
N TYR A 527 21.97 -12.27 -22.38
CA TYR A 527 21.57 -13.49 -23.04
C TYR A 527 22.71 -14.27 -23.63
N PHE A 528 23.87 -13.64 -23.83
CA PHE A 528 24.99 -14.27 -24.53
C PHE A 528 24.50 -14.89 -25.83
N GLN A 529 23.66 -14.14 -26.53
CA GLN A 529 23.20 -14.50 -27.87
C GLN A 529 22.40 -15.79 -27.86
N ASN A 530 21.73 -16.08 -26.75
CA ASN A 530 20.88 -17.26 -26.63
C ASN A 530 19.48 -16.82 -26.25
N PRO A 531 18.48 -16.98 -27.13
CA PRO A 531 17.13 -16.52 -26.79
C PRO A 531 16.47 -17.32 -25.66
N GLN A 532 17.05 -18.44 -25.26
CA GLN A 532 16.59 -19.24 -24.13
C GLN A 532 17.73 -19.43 -23.14
N PHE A 533 18.57 -18.39 -22.99
CA PHE A 533 19.77 -18.46 -22.17
C PHE A 533 19.48 -18.89 -20.74
N MET A 534 20.25 -19.87 -20.27
CA MET A 534 20.20 -20.32 -18.89
C MET A 534 18.76 -20.65 -18.46
N GLY A 535 17.96 -21.19 -19.39
CA GLY A 535 16.59 -21.52 -19.08
C GLY A 535 16.46 -22.61 -18.03
N GLY A 536 17.47 -23.46 -17.90
CA GLY A 536 17.37 -24.62 -17.03
C GLY A 536 18.72 -25.29 -16.87
N TRP A 537 18.75 -26.30 -16.01
CA TRP A 537 20.02 -26.90 -15.58
C TRP A 537 20.16 -28.39 -15.93
N ASP A 538 19.19 -28.99 -16.60
CA ASP A 538 19.30 -30.40 -16.95
C ASP A 538 20.54 -30.63 -17.82
N LYS A 539 21.25 -31.72 -17.54
CA LYS A 539 22.47 -32.01 -18.27
C LYS A 539 22.21 -32.21 -19.77
N ASP A 540 21.08 -32.83 -20.12
CA ASP A 540 20.72 -32.99 -21.53
C ASP A 540 20.57 -31.67 -22.25
N LYS A 541 20.33 -30.59 -21.52
CA LYS A 541 20.02 -29.31 -22.12
C LYS A 541 21.17 -28.32 -21.99
N GLU A 542 22.28 -28.76 -21.41
CA GLU A 542 23.40 -27.87 -21.19
C GLU A 542 23.85 -27.23 -22.50
N THR A 543 23.82 -28.01 -23.57
CA THR A 543 24.19 -27.50 -24.89
C THR A 543 23.24 -26.42 -25.37
N ASP A 544 21.94 -26.60 -25.09
CA ASP A 544 20.94 -25.64 -25.56
C ASP A 544 20.97 -24.35 -24.74
N TYR A 545 21.13 -24.45 -23.42
CA TYR A 545 21.14 -23.29 -22.52
C TYR A 545 22.50 -22.62 -22.42
N ARG A 546 23.58 -23.40 -22.59
CA ARG A 546 24.96 -22.91 -22.56
C ARG A 546 25.31 -22.23 -21.23
N ALA A 547 24.91 -22.86 -20.12
CA ALA A 547 25.22 -22.36 -18.78
C ALA A 547 25.11 -23.50 -17.79
N THR A 548 26.11 -23.60 -16.91
CA THR A 548 26.13 -24.63 -15.89
C THR A 548 26.75 -24.06 -14.61
N ILE A 549 26.75 -24.87 -13.55
CA ILE A 549 27.32 -24.49 -12.26
C ILE A 549 28.56 -25.34 -11.98
N LEU A 550 29.64 -24.70 -11.53
CA LEU A 550 30.86 -25.37 -11.11
C LEU A 550 31.14 -25.03 -9.65
N ARG A 551 31.78 -25.96 -8.96
CA ARG A 551 32.18 -25.77 -7.58
C ARG A 551 33.66 -26.07 -7.45
N TYR A 552 34.37 -25.25 -6.67
CA TYR A 552 35.76 -25.51 -6.36
C TYR A 552 35.99 -25.14 -4.89
N GLY A 553 36.10 -26.14 -4.04
CA GLY A 553 36.26 -25.89 -2.61
C GLY A 553 34.95 -25.37 -2.07
N SER A 554 35.03 -24.26 -1.34
CA SER A 554 33.83 -23.57 -0.86
C SER A 554 33.17 -22.70 -1.92
N LYS A 555 33.81 -22.51 -3.05
CA LYS A 555 33.40 -21.48 -3.99
C LYS A 555 32.58 -22.07 -5.13
N TYR A 556 31.56 -21.34 -5.54
CA TYR A 556 30.66 -21.70 -6.63
C TYR A 556 30.82 -20.74 -7.80
N TYR A 557 30.58 -21.26 -9.00
CA TYR A 557 30.88 -20.53 -10.22
C TYR A 557 29.77 -20.73 -11.24
N LEU A 558 29.43 -19.64 -11.94
CA LEU A 558 28.59 -19.75 -13.12
C LEU A 558 29.49 -19.92 -14.34
N ALA A 559 29.21 -20.93 -15.16
CA ALA A 559 30.03 -21.22 -16.33
C ALA A 559 29.17 -21.10 -17.58
N ILE A 560 29.60 -20.26 -18.52
CA ILE A 560 28.84 -19.95 -19.72
C ILE A 560 29.65 -20.31 -20.95
N MET A 561 29.10 -21.16 -21.81
CA MET A 561 29.79 -21.56 -23.04
C MET A 561 29.48 -20.55 -24.14
N ASP A 562 30.54 -19.97 -24.71
CA ASP A 562 30.39 -19.09 -25.85
C ASP A 562 29.61 -19.81 -26.95
N LYS A 563 28.81 -19.02 -27.70
CA LYS A 563 27.95 -19.60 -28.73
C LYS A 563 28.74 -20.46 -29.71
N LYS A 564 29.96 -20.07 -30.06
CA LYS A 564 30.73 -20.87 -31.01
C LYS A 564 31.28 -22.16 -30.41
N TYR A 565 31.20 -22.35 -29.09
CA TYR A 565 31.83 -23.48 -28.41
C TYR A 565 30.87 -24.15 -27.46
N ALA A 566 29.63 -24.37 -27.92
CA ALA A 566 28.56 -24.86 -27.03
C ALA A 566 28.91 -26.18 -26.34
N LYS A 567 29.73 -27.02 -26.95
CA LYS A 567 30.08 -28.32 -26.38
C LYS A 567 31.42 -28.29 -25.64
N CYS A 568 32.04 -27.12 -25.50
CA CYS A 568 33.43 -27.07 -25.04
C CYS A 568 33.63 -27.70 -23.67
N LEU A 569 32.62 -27.65 -22.81
CA LEU A 569 32.77 -28.13 -21.44
C LEU A 569 32.54 -29.64 -21.34
N GLN A 570 31.50 -30.13 -22.03
CA GLN A 570 31.17 -31.56 -21.99
C GLN A 570 32.38 -32.42 -22.28
N LYS A 571 33.24 -31.95 -23.20
CA LYS A 571 34.44 -32.63 -23.66
C LYS A 571 35.58 -32.64 -22.64
N ILE A 572 35.37 -32.14 -21.43
CA ILE A 572 36.44 -32.10 -20.43
C ILE A 572 36.30 -33.30 -19.51
N ASP A 573 37.29 -34.18 -19.54
CA ASP A 573 37.34 -35.33 -18.67
C ASP A 573 37.93 -34.97 -17.32
N LYS A 574 37.72 -35.84 -16.34
CA LYS A 574 38.34 -35.66 -15.03
C LYS A 574 39.86 -35.71 -15.17
N ASP A 575 40.54 -34.93 -14.33
CA ASP A 575 42.00 -34.98 -14.22
C ASP A 575 42.35 -35.99 -13.13
N ASP A 576 42.94 -37.11 -13.54
CA ASP A 576 43.24 -38.18 -12.59
C ASP A 576 44.34 -37.81 -11.60
N VAL A 577 45.07 -36.72 -11.83
CA VAL A 577 46.19 -36.35 -10.97
C VAL A 577 46.06 -34.91 -10.46
N ASN A 578 45.97 -33.96 -11.38
CA ASN A 578 45.94 -32.54 -11.00
C ASN A 578 44.61 -32.14 -10.34
N GLY A 579 44.36 -30.84 -10.27
CA GLY A 579 43.14 -30.37 -9.63
C GLY A 579 41.91 -30.54 -10.51
N ASN A 580 40.75 -30.50 -9.85
CA ASN A 580 39.49 -30.71 -10.54
C ASN A 580 38.41 -29.75 -10.04
N TYR A 581 37.66 -29.19 -10.98
CA TYR A 581 36.39 -28.59 -10.66
C TYR A 581 35.35 -29.67 -10.41
N GLU A 582 34.37 -29.37 -9.58
CA GLU A 582 33.16 -30.16 -9.51
C GLU A 582 32.13 -29.49 -10.41
N LYS A 583 31.75 -30.18 -11.47
CA LYS A 583 30.74 -29.74 -12.41
C LYS A 583 29.39 -30.32 -12.00
N ILE A 584 28.35 -29.54 -12.15
CA ILE A 584 27.04 -30.01 -11.69
C ILE A 584 26.49 -31.02 -12.70
N ASN A 585 25.83 -32.06 -12.16
CA ASN A 585 25.04 -32.99 -12.93
C ASN A 585 23.60 -32.93 -12.39
N TYR A 586 22.72 -32.31 -13.16
CA TYR A 586 21.38 -31.96 -12.71
C TYR A 586 20.37 -32.61 -13.64
N LYS A 587 19.43 -33.34 -13.06
CA LYS A 587 18.38 -33.99 -13.85
C LYS A 587 17.03 -33.65 -13.25
N LEU A 588 16.09 -33.22 -14.10
CA LEU A 588 14.77 -32.82 -13.66
C LEU A 588 13.73 -33.36 -14.63
N LEU A 589 12.71 -34.02 -14.10
CA LEU A 589 11.57 -34.37 -14.93
C LEU A 589 10.44 -33.44 -14.53
N PRO A 590 10.27 -32.33 -15.19
CA PRO A 590 9.45 -31.24 -14.63
C PRO A 590 7.98 -31.36 -14.94
N GLY A 591 7.14 -31.42 -13.92
CA GLY A 591 5.72 -31.53 -14.11
C GLY A 591 5.31 -32.81 -14.82
N PRO A 592 5.31 -33.93 -14.09
CA PRO A 592 4.89 -35.19 -14.72
C PRO A 592 3.50 -35.11 -15.33
N ASN A 593 2.59 -34.35 -14.75
CA ASN A 593 1.22 -34.33 -15.27
C ASN A 593 1.16 -33.77 -16.70
N LYS A 594 2.14 -32.96 -17.09
CA LYS A 594 2.26 -32.53 -18.48
C LYS A 594 3.36 -33.28 -19.22
N MET A 595 4.42 -33.70 -18.54
CA MET A 595 5.54 -34.27 -19.27
C MET A 595 5.29 -35.71 -19.73
N LEU A 596 4.54 -36.49 -18.96
CA LEU A 596 4.29 -37.86 -19.39
C LEU A 596 3.32 -37.93 -20.57
N PRO A 597 2.16 -37.23 -20.56
CA PRO A 597 1.38 -37.11 -21.81
C PRO A 597 2.20 -36.61 -22.98
N LYS A 598 3.02 -35.58 -22.75
CA LYS A 598 3.74 -34.91 -23.83
C LYS A 598 4.59 -35.88 -24.64
N VAL A 599 5.41 -36.68 -23.96
CA VAL A 599 6.28 -37.56 -24.74
C VAL A 599 5.57 -38.84 -25.15
N PHE A 600 4.74 -39.42 -24.27
CA PHE A 600 4.23 -40.75 -24.55
C PHE A 600 3.00 -40.78 -25.44
N PHE A 601 2.39 -39.63 -25.71
CA PHE A 601 1.36 -39.53 -26.73
C PHE A 601 1.84 -38.70 -27.92
N SER A 602 3.14 -38.60 -28.10
CA SER A 602 3.69 -37.80 -29.17
C SER A 602 3.76 -38.59 -30.47
N LYS A 603 3.91 -37.87 -31.58
CA LYS A 603 4.17 -38.52 -32.86
C LYS A 603 5.41 -39.40 -32.78
N LYS A 604 6.46 -38.93 -32.12
CA LYS A 604 7.71 -39.67 -32.07
C LYS A 604 7.53 -40.99 -31.31
N TRP A 605 6.95 -40.94 -30.11
CA TRP A 605 6.90 -42.12 -29.25
C TRP A 605 5.81 -43.10 -29.63
N MET A 606 4.59 -42.62 -29.89
CA MET A 606 3.51 -43.52 -30.33
C MET A 606 3.90 -44.31 -31.58
N ALA A 607 4.82 -43.78 -32.39
CA ALA A 607 5.45 -44.56 -33.43
C ALA A 607 6.12 -45.78 -32.82
N TYR A 608 7.17 -45.55 -32.03
CA TYR A 608 7.97 -46.66 -31.49
C TYR A 608 7.10 -47.63 -30.70
N TYR A 609 6.17 -47.11 -29.90
CA TYR A 609 5.44 -47.92 -28.92
C TYR A 609 3.99 -47.46 -28.93
N ASN A 610 3.10 -48.29 -29.49
CA ASN A 610 1.70 -47.92 -29.68
C ASN A 610 0.90 -48.22 -28.43
N PRO A 611 0.26 -47.24 -27.81
CA PRO A 611 -0.74 -47.56 -26.78
C PRO A 611 -1.97 -48.20 -27.40
N SER A 612 -2.73 -48.89 -26.56
CA SER A 612 -3.97 -49.50 -27.02
C SER A 612 -5.00 -48.44 -27.35
N GLU A 613 -5.88 -48.75 -28.29
CA GLU A 613 -6.99 -47.86 -28.62
C GLU A 613 -7.79 -47.52 -27.36
N ASP A 614 -7.77 -48.40 -26.36
CA ASP A 614 -8.44 -48.13 -25.10
C ASP A 614 -7.73 -47.05 -24.31
N ILE A 615 -6.39 -47.09 -24.27
CA ILE A 615 -5.63 -46.08 -23.55
C ILE A 615 -5.94 -44.69 -24.10
N GLN A 616 -5.88 -44.57 -25.43
CA GLN A 616 -6.18 -43.30 -26.07
C GLN A 616 -7.57 -42.79 -25.67
N LYS A 617 -8.57 -43.66 -25.72
CA LYS A 617 -9.94 -43.25 -25.41
C LYS A 617 -10.08 -42.84 -23.95
N ILE A 618 -9.39 -43.54 -23.05
CA ILE A 618 -9.40 -43.11 -21.65
C ILE A 618 -8.76 -41.73 -21.50
N TYR A 619 -7.67 -41.49 -22.23
CA TYR A 619 -6.97 -40.21 -22.15
C TYR A 619 -7.72 -39.10 -22.89
N LYS A 620 -8.13 -39.36 -24.14
CA LYS A 620 -8.79 -38.35 -24.96
C LYS A 620 -10.09 -37.85 -24.34
N ASN A 621 -10.68 -38.63 -23.41
CA ASN A 621 -11.95 -38.27 -22.80
C ASN A 621 -11.85 -38.02 -21.31
N GLY A 622 -10.69 -38.25 -20.69
CA GLY A 622 -10.50 -37.87 -19.30
C GLY A 622 -11.17 -38.74 -18.25
N THR A 623 -11.21 -40.06 -18.48
CA THR A 623 -11.79 -41.01 -17.53
C THR A 623 -10.92 -41.24 -16.30
N PHE A 624 -9.80 -40.54 -16.20
CA PHE A 624 -8.87 -40.64 -15.09
C PHE A 624 -8.78 -39.36 -14.27
N LYS A 625 -9.38 -38.27 -14.74
CA LYS A 625 -9.08 -36.95 -14.20
C LYS A 625 -9.75 -36.67 -12.87
N LYS A 626 -10.46 -37.64 -12.30
CA LYS A 626 -11.21 -37.46 -11.06
C LYS A 626 -12.28 -36.38 -11.24
N GLY A 627 -13.12 -36.59 -12.25
CA GLY A 627 -14.20 -35.65 -12.55
C GLY A 627 -15.53 -36.33 -12.77
N ASP A 628 -16.42 -35.67 -13.52
CA ASP A 628 -17.72 -36.26 -13.84
C ASP A 628 -17.58 -37.58 -14.58
N MET A 629 -16.43 -37.81 -15.22
CA MET A 629 -16.17 -39.03 -15.98
C MET A 629 -15.04 -39.85 -15.36
N PHE A 630 -14.82 -39.72 -14.04
CA PHE A 630 -13.74 -40.47 -13.40
C PHE A 630 -14.08 -41.96 -13.29
N ASN A 631 -13.10 -42.80 -13.61
CA ASN A 631 -13.28 -44.24 -13.63
C ASN A 631 -11.99 -44.86 -13.11
N LEU A 632 -12.00 -45.26 -11.83
CA LEU A 632 -10.77 -45.67 -11.15
C LEU A 632 -10.05 -46.80 -11.89
N ASN A 633 -10.78 -47.73 -12.48
CA ASN A 633 -10.13 -48.80 -13.22
C ASN A 633 -9.39 -48.23 -14.43
N ASP A 634 -9.95 -47.19 -15.06
CA ASP A 634 -9.28 -46.56 -16.18
C ASP A 634 -8.05 -45.81 -15.72
N CYS A 635 -8.14 -45.17 -14.55
CA CYS A 635 -7.01 -44.46 -13.97
C CYS A 635 -5.84 -45.40 -13.71
N HIS A 636 -6.13 -46.64 -13.30
CA HIS A 636 -5.07 -47.61 -13.07
C HIS A 636 -4.52 -48.14 -14.39
N LYS A 637 -5.39 -48.31 -15.38
CA LYS A 637 -4.93 -48.74 -16.70
C LYS A 637 -4.02 -47.69 -17.33
N LEU A 638 -4.39 -46.40 -17.21
CA LEU A 638 -3.53 -45.36 -17.76
C LEU A 638 -2.19 -45.31 -17.03
N ILE A 639 -2.21 -45.37 -15.69
CA ILE A 639 -0.96 -45.35 -14.92
C ILE A 639 -0.04 -46.46 -15.38
N ASP A 640 -0.62 -47.63 -15.69
CA ASP A 640 0.16 -48.80 -16.10
C ASP A 640 0.82 -48.58 -17.45
N PHE A 641 0.13 -47.89 -18.37
CA PHE A 641 0.73 -47.57 -19.65
C PHE A 641 1.92 -46.63 -19.48
N PHE A 642 1.76 -45.57 -18.67
CA PHE A 642 2.87 -44.67 -18.38
C PHE A 642 4.05 -45.44 -17.80
N LYS A 643 3.76 -46.33 -16.85
CA LYS A 643 4.83 -47.11 -16.22
C LYS A 643 5.62 -47.91 -17.24
N ASP A 644 4.92 -48.66 -18.11
CA ASP A 644 5.65 -49.49 -19.08
C ASP A 644 6.34 -48.62 -20.13
N SER A 645 5.68 -47.51 -20.52
CA SER A 645 6.36 -46.54 -21.38
C SER A 645 7.62 -46.01 -20.71
N ILE A 646 7.61 -45.85 -19.38
CA ILE A 646 8.77 -45.29 -18.69
C ILE A 646 9.92 -46.28 -18.68
N SER A 647 9.63 -47.56 -18.41
CA SER A 647 10.70 -48.55 -18.44
C SER A 647 11.36 -48.64 -19.82
N ARG A 648 10.65 -48.26 -20.89
CA ARG A 648 11.19 -48.30 -22.24
C ARG A 648 11.81 -46.97 -22.67
N TYR A 649 11.80 -45.94 -21.82
CA TYR A 649 12.34 -44.62 -22.12
C TYR A 649 13.64 -44.42 -21.34
N PRO A 650 14.79 -44.80 -21.90
CA PRO A 650 16.02 -44.82 -21.08
C PRO A 650 16.43 -43.47 -20.53
N LYS A 651 16.13 -42.35 -21.22
CA LYS A 651 16.56 -41.05 -20.72
C LYS A 651 16.10 -40.77 -19.30
N TRP A 652 15.03 -41.44 -18.87
CA TRP A 652 14.48 -41.28 -17.52
C TRP A 652 14.76 -42.47 -16.61
N SER A 653 14.39 -43.69 -17.02
CA SER A 653 14.57 -44.86 -16.17
C SER A 653 16.02 -45.03 -15.75
N ASN A 654 16.97 -44.63 -16.59
CA ASN A 654 18.39 -44.64 -16.20
C ASN A 654 18.71 -43.53 -15.21
N ALA A 655 18.12 -42.34 -15.39
CA ALA A 655 18.49 -41.18 -14.57
C ALA A 655 17.93 -41.30 -13.16
N TYR A 656 16.66 -41.67 -13.05
CA TYR A 656 15.95 -41.73 -11.78
C TYR A 656 15.47 -43.17 -11.64
N ASP A 657 16.24 -44.03 -10.97
CA ASP A 657 15.81 -45.41 -10.89
C ASP A 657 14.48 -45.49 -10.14
N PHE A 658 13.38 -45.49 -10.88
CA PHE A 658 12.07 -45.29 -10.27
C PHE A 658 11.69 -46.48 -9.41
N ASN A 659 10.87 -46.20 -8.39
CA ASN A 659 10.40 -47.17 -7.39
C ASN A 659 8.96 -46.78 -7.05
N PHE A 660 8.01 -47.33 -7.83
CA PHE A 660 6.62 -46.96 -7.73
C PHE A 660 5.87 -47.92 -6.82
N SER A 661 4.85 -47.40 -6.14
CA SER A 661 3.85 -48.24 -5.49
C SER A 661 3.11 -49.06 -6.53
N GLU A 662 2.62 -50.23 -6.13
CA GLU A 662 1.81 -51.02 -7.04
C GLU A 662 0.60 -50.21 -7.48
N THR A 663 0.25 -50.35 -8.77
CA THR A 663 -0.79 -49.50 -9.37
C THR A 663 -2.10 -49.54 -8.59
N GLU A 664 -2.45 -50.72 -8.08
CA GLU A 664 -3.70 -50.89 -7.35
C GLU A 664 -3.83 -49.95 -6.16
N LYS A 665 -2.72 -49.48 -5.60
CA LYS A 665 -2.77 -48.64 -4.42
C LYS A 665 -3.09 -47.18 -4.72
N TYR A 666 -3.07 -46.74 -5.98
CA TYR A 666 -3.31 -45.35 -6.29
C TYR A 666 -4.80 -45.05 -6.25
N LYS A 667 -5.18 -43.98 -5.55
CA LYS A 667 -6.57 -43.57 -5.54
C LYS A 667 -6.92 -42.69 -6.74
N ASP A 668 -5.98 -41.86 -7.22
CA ASP A 668 -6.20 -41.03 -8.40
C ASP A 668 -4.90 -40.87 -9.17
N ILE A 669 -4.99 -40.20 -10.31
CA ILE A 669 -3.83 -40.03 -11.19
C ILE A 669 -2.74 -39.18 -10.52
N ALA A 670 -3.13 -38.22 -9.68
CA ALA A 670 -2.14 -37.43 -8.95
C ALA A 670 -1.28 -38.29 -8.05
N GLY A 671 -1.87 -39.32 -7.43
CA GLY A 671 -1.11 -40.24 -6.61
C GLY A 671 0.09 -40.81 -7.33
N PHE A 672 -0.05 -41.10 -8.63
CA PHE A 672 1.09 -41.57 -9.42
C PHE A 672 2.00 -40.42 -9.85
N TYR A 673 1.41 -39.27 -10.20
CA TYR A 673 2.22 -38.16 -10.66
C TYR A 673 3.11 -37.63 -9.57
N ARG A 674 2.64 -37.66 -8.31
CA ARG A 674 3.48 -37.18 -7.22
C ARG A 674 4.69 -38.09 -7.00
N GLU A 675 4.56 -39.38 -7.31
CA GLU A 675 5.70 -40.27 -7.16
C GLU A 675 6.76 -39.98 -8.21
N VAL A 676 6.33 -39.73 -9.46
CA VAL A 676 7.28 -39.39 -10.52
C VAL A 676 7.95 -38.06 -10.20
N GLU A 677 7.18 -37.10 -9.70
CA GLU A 677 7.71 -35.76 -9.47
C GLU A 677 8.73 -35.76 -8.34
N GLU A 678 8.44 -36.50 -7.27
CA GLU A 678 9.36 -36.61 -6.14
C GLU A 678 10.64 -37.34 -6.52
N GLN A 679 10.57 -38.31 -7.42
CA GLN A 679 11.77 -39.01 -7.82
C GLN A 679 12.39 -38.43 -9.08
N GLY A 680 11.65 -37.62 -9.84
CA GLY A 680 12.20 -37.05 -11.06
C GLY A 680 13.12 -35.86 -10.80
N TYR A 681 14.07 -36.02 -9.86
CA TYR A 681 14.98 -34.92 -9.55
C TYR A 681 16.22 -35.48 -8.88
N LYS A 682 17.38 -35.19 -9.45
CA LYS A 682 18.64 -35.66 -8.91
C LYS A 682 19.69 -34.58 -9.14
N VAL A 683 20.50 -34.30 -8.12
CA VAL A 683 21.63 -33.37 -8.23
C VAL A 683 22.88 -34.03 -7.69
N SER A 684 23.97 -33.97 -8.47
CA SER A 684 25.24 -34.52 -8.05
C SER A 684 26.35 -33.75 -8.75
N PHE A 685 27.59 -34.14 -8.47
CA PHE A 685 28.73 -33.50 -9.11
C PHE A 685 29.64 -34.53 -9.77
N GLU A 686 30.20 -34.16 -10.91
CA GLU A 686 31.29 -34.89 -11.55
C GLU A 686 32.55 -34.04 -11.43
N SER A 687 33.69 -34.66 -11.71
CA SER A 687 34.94 -33.93 -11.77
C SER A 687 35.25 -33.51 -13.21
N ALA A 688 36.00 -32.41 -13.34
CA ALA A 688 36.41 -31.91 -14.63
C ALA A 688 37.74 -31.19 -14.46
N SER A 689 38.65 -31.38 -15.43
CA SER A 689 40.03 -30.94 -15.29
C SER A 689 40.10 -29.44 -15.08
N LYS A 690 40.63 -29.02 -13.93
CA LYS A 690 40.76 -27.60 -13.67
C LYS A 690 41.62 -26.94 -14.73
N LYS A 691 42.81 -27.50 -14.98
CA LYS A 691 43.71 -26.97 -16.00
C LYS A 691 42.99 -26.75 -17.32
N GLU A 692 42.27 -27.77 -17.79
CA GLU A 692 41.60 -27.67 -19.09
C GLU A 692 40.42 -26.70 -19.03
N VAL A 693 39.61 -26.74 -17.95
CA VAL A 693 38.52 -25.79 -17.86
C VAL A 693 39.06 -24.36 -17.85
N ASP A 694 40.14 -24.13 -17.10
CA ASP A 694 40.71 -22.80 -17.03
C ASP A 694 41.25 -22.34 -18.39
N LYS A 695 41.75 -23.29 -19.19
CA LYS A 695 42.22 -22.94 -20.53
C LYS A 695 41.06 -22.51 -21.43
N LEU A 696 39.89 -23.16 -21.27
CA LEU A 696 38.69 -22.73 -21.98
C LEU A 696 38.37 -21.27 -21.69
N VAL A 697 38.55 -20.85 -20.43
CA VAL A 697 38.33 -19.45 -20.08
C VAL A 697 39.47 -18.58 -20.61
N GLU A 698 40.70 -19.09 -20.61
CA GLU A 698 41.81 -18.37 -21.23
C GLU A 698 41.50 -17.99 -22.67
N GLU A 699 41.24 -19.00 -23.53
CA GLU A 699 40.89 -18.80 -24.93
C GLU A 699 39.52 -18.15 -25.11
N GLY A 700 38.74 -17.77 -24.09
CA GLY A 700 37.44 -17.17 -24.35
C GLY A 700 36.41 -18.10 -24.95
N LYS A 701 36.56 -19.40 -24.77
CA LYS A 701 35.53 -20.35 -25.18
C LYS A 701 34.54 -20.61 -24.06
N LEU A 702 34.95 -20.33 -22.83
CA LEU A 702 34.12 -20.47 -21.65
C LEU A 702 34.24 -19.16 -20.87
N TYR A 703 33.14 -18.72 -20.27
CA TYR A 703 33.11 -17.54 -19.42
C TYR A 703 32.74 -17.97 -18.00
N MET A 704 33.49 -17.49 -17.03
CA MET A 704 33.40 -17.99 -15.67
C MET A 704 33.18 -16.82 -14.72
N PHE A 705 32.21 -16.99 -13.81
CA PHE A 705 31.85 -16.00 -12.79
C PHE A 705 31.76 -16.71 -11.44
N GLN A 706 32.37 -16.12 -10.40
CA GLN A 706 32.14 -16.62 -9.05
C GLN A 706 30.78 -16.16 -8.55
N ILE A 707 29.98 -17.10 -8.05
CA ILE A 707 28.69 -16.80 -7.44
C ILE A 707 28.95 -16.33 -6.01
N TYR A 708 28.68 -15.06 -5.75
CA TYR A 708 29.30 -14.40 -4.60
C TYR A 708 28.33 -13.54 -3.83
N ASN A 709 28.41 -13.63 -2.51
CA ASN A 709 27.98 -12.60 -1.60
C ASN A 709 29.01 -12.57 -0.46
N LYS A 710 28.78 -11.71 0.53
CA LYS A 710 29.87 -11.44 1.45
C LYS A 710 30.17 -12.62 2.36
N ASP A 711 29.25 -13.57 2.48
CA ASP A 711 29.53 -14.74 3.30
C ASP A 711 30.57 -15.66 2.67
N PHE A 712 30.77 -15.56 1.36
CA PHE A 712 31.80 -16.36 0.68
C PHE A 712 33.17 -15.72 0.76
N SER A 713 33.31 -14.58 1.44
CA SER A 713 34.61 -13.93 1.58
C SER A 713 35.45 -14.67 2.60
N ASP A 714 36.74 -14.81 2.30
CA ASP A 714 37.69 -15.48 3.19
C ASP A 714 37.86 -14.73 4.51
N LYS A 715 37.39 -13.49 4.58
CA LYS A 715 37.33 -12.73 5.82
C LYS A 715 35.97 -12.82 6.51
N SER A 716 34.97 -13.41 5.85
CA SER A 716 33.69 -13.64 6.53
C SER A 716 33.89 -14.68 7.62
N HIS A 717 33.37 -14.38 8.80
CA HIS A 717 33.55 -15.26 9.95
CA HIS A 717 33.54 -15.30 9.93
C HIS A 717 32.33 -15.37 10.84
N GLY A 718 31.22 -14.69 10.51
CA GLY A 718 30.04 -14.73 11.33
C GLY A 718 28.93 -15.58 10.72
N THR A 719 27.78 -15.55 11.39
CA THR A 719 26.61 -16.23 10.88
C THR A 719 26.27 -15.73 9.48
N PRO A 720 26.13 -16.63 8.50
CA PRO A 720 25.73 -16.20 7.16
C PRO A 720 24.27 -15.81 7.09
N ASN A 721 23.95 -15.04 6.05
CA ASN A 721 22.57 -14.82 5.65
C ASN A 721 21.82 -16.13 5.45
N LEU A 722 20.54 -16.14 5.87
CA LEU A 722 19.64 -17.24 5.55
C LEU A 722 19.75 -17.69 4.09
N HIS A 723 19.70 -16.72 3.16
CA HIS A 723 19.77 -17.07 1.74
C HIS A 723 21.07 -17.74 1.35
N THR A 724 22.17 -17.43 2.04
CA THR A 724 23.40 -18.18 1.82
C THR A 724 23.21 -19.63 2.20
N MET A 725 22.54 -19.87 3.32
CA MET A 725 22.29 -21.24 3.75
C MET A 725 21.42 -21.97 2.75
N TYR A 726 20.33 -21.33 2.30
CA TYR A 726 19.51 -21.94 1.25
C TYR A 726 20.37 -22.34 0.05
N PHE A 727 21.27 -21.45 -0.39
CA PHE A 727 22.04 -21.73 -1.58
C PHE A 727 22.98 -22.94 -1.38
N LYS A 728 23.74 -22.97 -0.29
CA LYS A 728 24.60 -24.13 -0.02
C LYS A 728 23.78 -25.41 0.12
N LEU A 729 22.60 -25.32 0.75
CA LEU A 729 21.80 -26.52 1.00
C LEU A 729 21.32 -27.15 -0.30
N LEU A 730 21.16 -26.36 -1.37
CA LEU A 730 20.86 -26.93 -2.67
C LEU A 730 21.79 -28.09 -3.03
N PHE A 731 23.06 -28.03 -2.61
CA PHE A 731 24.04 -29.04 -2.99
C PHE A 731 24.53 -29.89 -1.82
N ASP A 732 23.76 -29.96 -0.75
CA ASP A 732 24.12 -30.71 0.44
C ASP A 732 23.44 -32.08 0.45
N GLU A 733 24.17 -33.09 0.90
CA GLU A 733 23.64 -34.45 0.89
C GLU A 733 22.47 -34.62 1.85
N ASN A 734 22.43 -33.85 2.94
CA ASN A 734 21.33 -33.92 3.89
C ASN A 734 20.04 -33.32 3.37
N ASN A 735 20.11 -32.63 2.24
CA ASN A 735 18.92 -32.05 1.62
C ASN A 735 18.27 -33.15 0.77
N HIS A 736 17.19 -33.71 1.29
CA HIS A 736 16.47 -34.79 0.61
C HIS A 736 15.29 -34.25 -0.19
N GLY A 737 15.54 -33.21 -0.98
CA GLY A 737 14.51 -32.63 -1.81
C GLY A 737 13.72 -31.51 -1.18
N GLN A 738 14.03 -31.11 0.05
CA GLN A 738 13.25 -30.03 0.65
C GLN A 738 13.45 -28.70 -0.07
N ILE A 739 14.66 -28.44 -0.57
CA ILE A 739 14.95 -27.26 -1.36
C ILE A 739 15.55 -27.72 -2.68
N ARG A 740 14.90 -27.39 -3.79
CA ARG A 740 15.39 -27.73 -5.12
C ARG A 740 15.93 -26.49 -5.81
N LEU A 741 16.94 -26.70 -6.65
CA LEU A 741 17.37 -25.66 -7.57
C LEU A 741 16.42 -25.64 -8.77
N SER A 742 15.98 -24.45 -9.16
CA SER A 742 15.00 -24.30 -10.22
C SER A 742 15.65 -23.69 -11.46
N GLY A 743 15.00 -23.92 -12.59
CA GLY A 743 15.31 -23.21 -13.80
C GLY A 743 14.93 -21.74 -13.72
N GLY A 744 15.06 -21.08 -14.86
CA GLY A 744 14.73 -19.67 -14.93
C GLY A 744 15.71 -18.71 -14.27
N ALA A 745 16.93 -19.14 -13.96
CA ALA A 745 17.93 -18.19 -13.47
C ALA A 745 18.14 -17.09 -14.50
N GLU A 746 18.50 -15.90 -14.01
CA GLU A 746 18.78 -14.78 -14.90
C GLU A 746 20.03 -14.07 -14.41
N LEU A 747 20.76 -13.50 -15.39
CA LEU A 747 21.97 -12.73 -15.15
C LEU A 747 21.81 -11.31 -15.69
N PHE A 748 22.18 -10.32 -14.89
CA PHE A 748 22.03 -8.91 -15.25
C PHE A 748 23.36 -8.18 -15.16
N MET A 749 23.43 -7.06 -15.86
CA MET A 749 24.47 -6.05 -15.68
C MET A 749 23.80 -4.77 -15.16
N ARG A 750 24.25 -4.30 -13.99
CA ARG A 750 23.85 -3.01 -13.43
C ARG A 750 25.06 -2.09 -13.55
N ARG A 751 25.00 -1.14 -14.49
CA ARG A 751 26.11 -0.21 -14.66
C ARG A 751 26.29 0.63 -13.40
N ALA A 752 27.54 0.99 -13.10
CA ALA A 752 27.83 1.89 -12.01
C ALA A 752 26.94 3.13 -12.09
N SER A 753 26.42 3.56 -10.94
CA SER A 753 25.64 4.78 -10.86
C SER A 753 26.26 5.88 -10.00
N LEU A 754 27.32 5.60 -9.25
CA LEU A 754 28.10 6.63 -8.56
C LEU A 754 29.52 6.66 -9.11
N LYS A 755 30.13 7.83 -9.07
CA LYS A 755 31.55 7.96 -9.38
C LYS A 755 32.33 7.74 -8.09
N LYS A 756 33.37 6.92 -8.16
CA LYS A 756 34.08 6.50 -6.96
C LYS A 756 34.80 7.68 -6.29
N GLU A 757 35.36 8.59 -7.08
CA GLU A 757 36.05 9.75 -6.53
C GLU A 757 35.10 10.76 -5.89
N GLU A 758 33.79 10.49 -5.90
CA GLU A 758 32.82 11.36 -5.26
C GLU A 758 32.12 10.69 -4.09
N LEU A 759 32.51 9.47 -3.73
CA LEU A 759 31.95 8.80 -2.58
C LEU A 759 32.53 9.38 -1.28
N VAL A 760 31.69 9.46 -0.24
CA VAL A 760 32.22 9.74 1.08
C VAL A 760 33.22 8.66 1.45
N VAL A 761 34.42 9.06 1.88
CA VAL A 761 35.49 8.13 2.22
C VAL A 761 35.86 8.32 3.67
N HIS A 762 36.09 7.20 4.38
CA HIS A 762 36.78 7.30 5.65
C HIS A 762 38.21 6.81 5.45
N PRO A 763 39.20 7.70 5.40
CA PRO A 763 40.54 7.30 4.97
C PRO A 763 41.16 6.31 5.92
N ALA A 764 42.06 5.50 5.38
CA ALA A 764 42.77 4.52 6.17
C ALA A 764 43.56 5.19 7.29
N ASN A 765 43.65 4.50 8.43
CA ASN A 765 44.49 4.82 9.57
C ASN A 765 44.03 6.05 10.33
N SER A 766 42.83 6.56 10.05
CA SER A 766 42.28 7.72 10.74
C SER A 766 40.98 7.32 11.44
N PRO A 767 40.83 7.64 12.72
CA PRO A 767 39.74 7.07 13.52
C PRO A 767 38.38 7.54 13.03
N ILE A 768 37.45 6.58 12.88
CA ILE A 768 36.08 6.85 12.51
C ILE A 768 35.21 6.82 13.75
N ALA A 769 34.22 7.70 13.81
CA ALA A 769 33.38 7.77 14.99
C ALA A 769 32.37 6.64 14.93
N ASN A 770 32.22 5.89 16.02
CA ASN A 770 31.13 4.94 16.10
C ASN A 770 29.87 5.70 16.47
N LYS A 771 28.75 5.27 15.90
CA LYS A 771 27.50 6.01 16.03
C LYS A 771 26.61 5.52 17.17
N ASN A 772 26.82 4.30 17.65
CA ASN A 772 25.95 3.77 18.68
C ASN A 772 26.38 4.35 20.02
N PRO A 773 25.51 5.13 20.68
CA PRO A 773 25.91 5.71 21.98
C PRO A 773 26.15 4.67 23.06
N ASP A 774 25.53 3.48 22.96
CA ASP A 774 25.75 2.41 23.93
C ASP A 774 27.05 1.65 23.70
N ASN A 775 27.64 1.76 22.52
CA ASN A 775 28.94 1.17 22.23
C ASN A 775 30.02 1.87 23.07
N PRO A 776 30.63 1.18 24.04
CA PRO A 776 31.68 1.84 24.84
C PRO A 776 32.97 2.07 24.05
N LYS A 777 33.11 1.45 22.88
CA LYS A 777 34.24 1.71 22.00
C LYS A 777 33.83 2.84 21.07
N LYS A 778 34.29 4.05 21.38
CA LYS A 778 33.81 5.25 20.72
C LYS A 778 34.36 5.42 19.30
N THR A 779 35.35 4.62 18.90
CA THR A 779 36.08 4.89 17.67
C THR A 779 36.61 3.59 17.08
N THR A 780 36.64 3.52 15.75
CA THR A 780 37.22 2.39 15.04
C THR A 780 38.25 2.89 14.05
N THR A 781 39.41 2.25 14.02
CA THR A 781 40.48 2.71 13.15
C THR A 781 40.96 1.54 12.29
N LEU A 782 40.74 1.66 10.98
CA LEU A 782 40.99 0.60 10.01
C LEU A 782 42.21 0.95 9.16
N SER A 783 42.85 -0.09 8.63
CA SER A 783 44.04 0.06 7.82
C SER A 783 43.74 0.19 6.33
N TYR A 784 42.47 0.37 5.97
CA TYR A 784 42.04 0.49 4.59
C TYR A 784 40.95 1.56 4.53
N ASP A 785 40.66 2.03 3.31
CA ASP A 785 39.62 3.02 3.12
C ASP A 785 38.24 2.36 3.19
N VAL A 786 37.26 3.14 3.62
CA VAL A 786 35.87 2.70 3.61
C VAL A 786 35.05 3.76 2.89
N TYR A 787 34.32 3.33 1.86
CA TYR A 787 33.60 4.21 0.95
C TYR A 787 32.11 3.98 1.11
N LYS A 788 31.35 5.05 1.24
CA LYS A 788 29.91 4.96 1.25
C LYS A 788 29.40 4.39 -0.06
N ASP A 789 28.49 3.41 0.02
CA ASP A 789 27.78 2.89 -1.14
C ASP A 789 28.73 2.40 -2.24
N LYS A 790 29.86 1.83 -1.81
CA LYS A 790 30.91 1.42 -2.74
C LYS A 790 30.36 0.60 -3.89
N ARG A 791 29.43 -0.32 -3.60
CA ARG A 791 28.95 -1.28 -4.60
C ARG A 791 28.31 -0.59 -5.80
N PHE A 792 27.82 0.63 -5.66
CA PHE A 792 27.17 1.30 -6.78
C PHE A 792 28.16 2.10 -7.60
N SER A 793 29.43 2.15 -7.20
CA SER A 793 30.44 2.87 -7.95
C SER A 793 31.23 1.98 -8.90
N GLU A 794 30.79 0.73 -9.09
CA GLU A 794 31.35 -0.14 -10.11
C GLU A 794 30.23 -0.88 -10.84
N ASP A 795 30.47 -1.19 -12.11
CA ASP A 795 29.62 -2.13 -12.82
C ASP A 795 29.56 -3.44 -12.06
N GLN A 796 28.37 -4.02 -11.98
CA GLN A 796 28.18 -5.24 -11.20
C GLN A 796 27.23 -6.19 -11.91
N TYR A 797 27.66 -7.44 -12.05
CA TYR A 797 26.78 -8.50 -12.52
C TYR A 797 26.01 -9.03 -11.32
N GLU A 798 24.74 -9.33 -11.53
CA GLU A 798 23.98 -9.97 -10.46
C GLU A 798 23.21 -11.13 -11.04
N LEU A 799 23.16 -12.20 -10.27
CA LEU A 799 22.61 -13.48 -10.71
C LEU A 799 21.43 -13.82 -9.81
N HIS A 800 20.28 -14.05 -10.43
CA HIS A 800 19.05 -14.37 -9.72
C HIS A 800 18.70 -15.83 -9.95
N ILE A 801 18.57 -16.57 -8.85
CA ILE A 801 18.47 -18.03 -8.86
C ILE A 801 17.16 -18.43 -8.19
N PRO A 802 16.18 -18.92 -8.94
CA PRO A 802 14.94 -19.39 -8.32
C PRO A 802 15.16 -20.72 -7.62
N ILE A 803 14.47 -20.90 -6.49
CA ILE A 803 14.48 -22.19 -5.81
C ILE A 803 13.04 -22.56 -5.48
N ALA A 804 12.85 -23.84 -5.19
CA ALA A 804 11.54 -24.38 -4.85
C ALA A 804 11.65 -25.10 -3.52
N ILE A 805 10.77 -24.74 -2.59
CA ILE A 805 10.78 -25.25 -1.22
C ILE A 805 9.54 -26.14 -1.03
N ASN A 806 9.75 -27.33 -0.46
CA ASN A 806 8.69 -28.31 -0.27
C ASN A 806 7.93 -28.61 -1.56
N LYS A 807 8.68 -28.87 -2.65
CA LYS A 807 8.04 -29.22 -3.91
C LYS A 807 7.09 -30.43 -3.78
N CYS A 808 7.34 -31.32 -2.82
CA CYS A 808 6.55 -32.55 -2.68
C CYS A 808 6.04 -32.66 -1.24
N PRO A 809 5.12 -31.78 -0.86
CA PRO A 809 4.70 -31.73 0.54
C PRO A 809 3.98 -33.00 0.95
N LYS A 810 4.16 -33.38 2.21
CA LYS A 810 3.52 -34.58 2.72
C LYS A 810 2.56 -34.33 3.86
N ASN A 811 2.86 -33.37 4.74
CA ASN A 811 1.95 -33.00 5.82
C ASN A 811 0.84 -32.13 5.23
N ILE A 812 -0.10 -32.79 4.56
CA ILE A 812 -1.18 -32.09 3.85
C ILE A 812 -2.46 -32.18 4.69
N PHE A 813 -2.95 -31.02 5.11
CA PHE A 813 -4.18 -30.86 5.89
C PHE A 813 -4.56 -29.38 5.84
N LYS A 814 -5.81 -29.09 6.17
CA LYS A 814 -6.25 -27.69 6.31
C LYS A 814 -5.54 -27.05 7.50
N ILE A 815 -4.68 -26.08 7.22
CA ILE A 815 -3.88 -25.43 8.26
C ILE A 815 -4.77 -24.85 9.35
N ASN A 816 -5.82 -24.13 8.95
CA ASN A 816 -6.67 -23.48 9.94
C ASN A 816 -7.30 -24.50 10.89
N THR A 817 -7.83 -25.59 10.32
CA THR A 817 -8.48 -26.62 11.13
C THR A 817 -7.52 -27.20 12.15
N GLU A 818 -6.31 -27.55 11.71
CA GLU A 818 -5.32 -28.12 12.62
C GLU A 818 -5.01 -27.16 13.76
N VAL A 819 -4.98 -25.85 13.49
CA VAL A 819 -4.73 -24.90 14.57
C VAL A 819 -5.86 -24.95 15.59
N ARG A 820 -7.12 -24.95 15.12
CA ARG A 820 -8.23 -25.03 16.06
C ARG A 820 -8.20 -26.33 16.85
N VAL A 821 -7.80 -27.43 16.23
CA VAL A 821 -7.76 -28.71 16.93
C VAL A 821 -6.69 -28.69 18.02
N LEU A 822 -5.50 -28.18 17.71
CA LEU A 822 -4.42 -28.16 18.70
C LEU A 822 -4.73 -27.22 19.87
N LEU A 823 -5.34 -26.07 19.59
CA LEU A 823 -5.73 -25.14 20.65
C LEU A 823 -6.78 -25.76 21.56
N LYS A 824 -7.78 -26.41 20.96
CA LYS A 824 -8.81 -27.07 21.75
C LYS A 824 -8.21 -27.99 22.81
N HIS A 825 -7.18 -28.75 22.45
CA HIS A 825 -6.57 -29.74 23.34
C HIS A 825 -5.30 -29.25 24.01
N ASP A 826 -5.13 -27.93 24.15
CA ASP A 826 -3.98 -27.34 24.80
C ASP A 826 -4.40 -26.77 26.15
N ASP A 827 -3.74 -27.20 27.22
CA ASP A 827 -4.12 -26.72 28.54
C ASP A 827 -3.89 -25.22 28.69
N ASN A 828 -2.78 -24.71 28.15
CA ASN A 828 -2.32 -23.35 28.45
C ASN A 828 -1.82 -22.64 27.19
N PRO A 829 -2.72 -22.27 26.29
CA PRO A 829 -2.28 -21.65 25.03
C PRO A 829 -1.94 -20.17 25.21
N TYR A 830 -0.79 -19.76 24.69
CA TYR A 830 -0.32 -18.38 24.74
C TYR A 830 -0.78 -17.61 23.49
N VAL A 831 -1.30 -16.40 23.69
CA VAL A 831 -1.66 -15.52 22.60
C VAL A 831 -0.74 -14.31 22.61
N ILE A 832 -0.27 -13.92 21.42
CA ILE A 832 0.52 -12.70 21.25
C ILE A 832 -0.41 -11.65 20.67
N GLY A 833 -0.75 -10.64 21.47
CA GLY A 833 -1.61 -9.57 21.02
C GLY A 833 -0.79 -8.43 20.48
N ILE A 834 -1.17 -7.95 19.30
CA ILE A 834 -0.40 -6.94 18.60
C ILE A 834 -1.38 -5.87 18.15
N ASP A 835 -1.06 -4.62 18.47
CA ASP A 835 -1.99 -3.52 18.38
C ASP A 835 -1.28 -2.36 17.70
N ARG A 836 -1.98 -1.69 16.80
CA ARG A 836 -1.51 -0.43 16.22
C ARG A 836 -2.00 0.69 17.13
N GLY A 837 -1.11 1.17 18.01
CA GLY A 837 -1.50 2.16 19.00
C GLY A 837 -1.46 3.59 18.47
N GLU A 838 -1.85 4.53 19.34
CA GLU A 838 -1.79 5.93 18.97
C GLU A 838 -0.37 6.48 19.12
N ARG A 839 0.23 6.27 20.28
CA ARG A 839 1.59 6.71 20.56
C ARG A 839 2.65 5.67 20.19
N ASN A 840 2.25 4.48 19.74
CA ASN A 840 3.18 3.40 19.45
C ASN A 840 2.82 2.75 18.12
N LEU A 841 3.78 2.76 17.18
CA LEU A 841 3.58 2.07 15.90
C LEU A 841 2.97 0.69 16.13
N LEU A 842 3.62 -0.13 16.95
CA LEU A 842 3.09 -1.43 17.31
C LEU A 842 3.25 -1.63 18.80
N TYR A 843 2.29 -2.32 19.41
CA TYR A 843 2.40 -2.70 20.80
C TYR A 843 2.14 -4.19 20.94
N ILE A 844 2.95 -4.85 21.77
CA ILE A 844 2.88 -6.29 21.94
C ILE A 844 2.56 -6.60 23.39
N VAL A 845 1.58 -7.49 23.59
CA VAL A 845 1.32 -8.08 24.90
C VAL A 845 1.17 -9.58 24.72
N VAL A 846 1.90 -10.37 25.51
CA VAL A 846 1.75 -11.82 25.53
C VAL A 846 0.92 -12.20 26.74
N VAL A 847 -0.10 -13.04 26.52
CA VAL A 847 -0.91 -13.59 27.60
C VAL A 847 -0.77 -15.10 27.56
N ASP A 848 -1.09 -15.74 28.69
CA ASP A 848 -1.20 -17.20 28.73
C ASP A 848 -2.68 -17.60 28.66
N GLY A 849 -2.94 -18.90 28.86
CA GLY A 849 -4.28 -19.40 28.67
C GLY A 849 -5.30 -18.83 29.62
N LYS A 850 -4.86 -18.40 30.80
CA LYS A 850 -5.73 -17.77 31.77
C LYS A 850 -5.72 -16.25 31.67
N GLY A 851 -5.14 -15.69 30.62
CA GLY A 851 -5.16 -14.26 30.42
C GLY A 851 -4.18 -13.46 31.27
N ASN A 852 -3.20 -14.11 31.88
CA ASN A 852 -2.19 -13.38 32.65
C ASN A 852 -1.16 -12.77 31.71
N ILE A 853 -0.81 -11.52 31.96
CA ILE A 853 0.16 -10.82 31.12
C ILE A 853 1.56 -11.30 31.45
N VAL A 854 2.28 -11.77 30.43
CA VAL A 854 3.59 -12.37 30.61
C VAL A 854 4.68 -11.44 30.09
N GLU A 855 4.36 -10.66 29.06
CA GLU A 855 5.24 -9.64 28.52
C GLU A 855 4.38 -8.52 27.98
N GLN A 856 4.90 -7.29 28.06
CA GLN A 856 4.26 -6.17 27.37
C GLN A 856 5.30 -5.10 27.06
N TYR A 857 5.37 -4.67 25.80
CA TYR A 857 6.28 -3.59 25.47
C TYR A 857 5.90 -2.95 24.16
N SER A 858 6.38 -1.72 23.97
CA SER A 858 6.24 -1.01 22.71
C SER A 858 7.30 -1.48 21.73
N LEU A 859 6.96 -1.38 20.43
CA LEU A 859 7.92 -1.64 19.37
C LEU A 859 8.29 -0.36 18.61
N ASN A 860 8.00 0.82 19.18
CA ASN A 860 8.58 2.08 18.72
C ASN A 860 10.09 2.00 18.60
N GLU A 861 10.73 1.27 19.52
CA GLU A 861 12.16 1.11 19.53
C GLU A 861 12.48 -0.38 19.53
N ILE A 862 13.54 -0.74 18.82
CA ILE A 862 13.99 -2.11 18.72
C ILE A 862 15.27 -2.24 19.52
N ILE A 863 15.30 -3.20 20.46
CA ILE A 863 16.50 -3.52 21.23
C ILE A 863 17.18 -4.75 20.63
N ASN A 864 18.51 -4.71 20.60
CA ASN A 864 19.32 -5.85 20.22
C ASN A 864 20.57 -5.88 21.09
N ASN A 865 21.17 -7.06 21.19
CA ASN A 865 22.36 -7.28 22.03
C ASN A 865 23.25 -8.29 21.34
N PHE A 866 24.48 -7.89 21.02
CA PHE A 866 25.49 -8.78 20.44
C PHE A 866 26.84 -8.40 21.01
N ASN A 867 27.61 -9.42 21.40
CA ASN A 867 28.90 -9.22 22.08
C ASN A 867 28.71 -8.42 23.37
N GLY A 868 27.60 -8.67 24.07
CA GLY A 868 27.29 -7.92 25.27
C GLY A 868 27.01 -6.44 25.03
N ILE A 869 27.06 -5.97 23.80
CA ILE A 869 26.80 -4.57 23.46
C ILE A 869 25.32 -4.40 23.14
N ARG A 870 24.68 -3.44 23.77
CA ARG A 870 23.30 -3.13 23.46
C ARG A 870 23.24 -2.14 22.29
N ILE A 871 22.27 -2.32 21.40
CA ILE A 871 21.89 -1.26 20.49
C ILE A 871 20.37 -1.10 20.53
N LYS A 872 19.92 0.14 20.69
CA LYS A 872 18.52 0.50 20.72
C LYS A 872 18.28 1.44 19.56
N THR A 873 17.44 1.04 18.61
CA THR A 873 17.16 1.83 17.42
C THR A 873 15.77 2.45 17.56
N ASP A 874 15.70 3.79 17.60
CA ASP A 874 14.40 4.47 17.70
C ASP A 874 13.81 4.63 16.30
N TYR A 875 13.06 3.62 15.88
CA TYR A 875 12.48 3.64 14.55
C TYR A 875 11.29 4.57 14.44
N HIS A 876 10.53 4.71 15.53
CA HIS A 876 9.44 5.69 15.52
C HIS A 876 10.00 7.06 15.21
N SER A 877 11.15 7.41 15.78
CA SER A 877 11.75 8.70 15.49
C SER A 877 12.29 8.74 14.05
N LEU A 878 12.96 7.69 13.60
CA LEU A 878 13.50 7.66 12.23
C LEU A 878 12.40 7.83 11.20
N LEU A 879 11.31 7.07 11.33
CA LEU A 879 10.22 7.15 10.37
C LEU A 879 9.60 8.54 10.37
N ASP A 880 9.40 9.11 11.55
CA ASP A 880 8.87 10.45 11.64
C ASP A 880 9.80 11.46 10.99
N LYS A 881 11.12 11.34 11.22
CA LYS A 881 12.06 12.23 10.52
C LYS A 881 11.89 12.09 9.02
N LYS A 882 11.83 10.84 8.53
CA LYS A 882 11.73 10.58 7.10
C LYS A 882 10.42 11.15 6.54
N GLU A 883 9.32 11.00 7.28
CA GLU A 883 8.06 11.53 6.79
C GLU A 883 8.12 13.05 6.68
N LYS A 884 8.83 13.72 7.60
CA LYS A 884 8.93 15.18 7.52
C LYS A 884 9.79 15.60 6.33
N GLU A 885 10.90 14.90 6.07
CA GLU A 885 11.73 15.21 4.91
C GLU A 885 10.94 15.09 3.61
N ARG A 886 10.09 14.06 3.52
CA ARG A 886 9.29 13.84 2.33
C ARG A 886 8.20 14.89 2.21
N PHE A 887 7.58 15.27 3.34
CA PHE A 887 6.55 16.29 3.32
C PHE A 887 7.12 17.64 2.91
N GLU A 888 8.26 18.02 3.50
CA GLU A 888 8.87 19.32 3.20
C GLU A 888 9.46 19.37 1.80
N ALA A 889 9.98 18.25 1.29
CA ALA A 889 10.48 18.21 -0.08
C ALA A 889 9.35 18.47 -1.08
N ARG A 890 8.19 17.85 -0.86
CA ARG A 890 7.03 18.10 -1.72
C ARG A 890 6.64 19.57 -1.69
N GLN A 891 6.63 20.19 -0.51
CA GLN A 891 6.30 21.60 -0.43
C GLN A 891 7.42 22.51 -0.93
N ASN A 892 8.65 22.01 -1.07
CA ASN A 892 9.76 22.88 -1.48
C ASN A 892 10.29 22.60 -2.87
N TRP A 893 9.81 21.54 -3.53
CA TRP A 893 10.26 21.15 -4.87
C TRP A 893 11.68 20.58 -4.85
N THR A 894 12.06 19.96 -3.73
CA THR A 894 13.37 19.34 -3.56
C THR A 894 13.20 17.83 -3.65
N SER A 895 14.32 17.11 -3.54
CA SER A 895 14.28 15.69 -3.81
C SER A 895 13.49 14.95 -2.72
N ILE A 896 12.63 14.02 -3.14
CA ILE A 896 11.73 13.30 -2.24
C ILE A 896 12.34 11.94 -1.95
N GLU A 897 12.81 11.74 -0.72
CA GLU A 897 13.50 10.51 -0.35
C GLU A 897 12.53 9.36 -0.17
N ASN A 898 13.01 8.15 -0.45
CA ASN A 898 12.21 6.95 -0.25
C ASN A 898 11.96 6.69 1.23
N ILE A 899 10.81 6.09 1.52
CA ILE A 899 10.56 5.59 2.86
C ILE A 899 10.28 4.08 2.92
N LYS A 900 10.03 3.39 1.78
CA LYS A 900 9.59 1.99 1.91
C LYS A 900 10.69 1.07 2.45
N GLU A 901 11.96 1.39 2.15
CA GLU A 901 13.06 0.57 2.68
C GLU A 901 13.20 0.72 4.19
N LEU A 902 13.08 1.95 4.70
CA LEU A 902 13.13 2.18 6.13
C LEU A 902 12.00 1.46 6.86
N LYS A 903 10.76 1.55 6.34
CA LYS A 903 9.67 0.74 6.90
C LYS A 903 9.97 -0.75 6.82
N ALA A 904 10.56 -1.20 5.71
CA ALA A 904 10.89 -2.62 5.57
C ALA A 904 11.94 -3.03 6.59
N GLY A 905 12.99 -2.24 6.74
CA GLY A 905 14.01 -2.53 7.73
C GLY A 905 13.46 -2.55 9.15
N TYR A 906 12.58 -1.59 9.47
CA TYR A 906 11.91 -1.59 10.76
C TYR A 906 11.10 -2.86 10.95
N ILE A 907 10.26 -3.17 9.98
CA ILE A 907 9.35 -4.28 10.15
C ILE A 907 10.09 -5.61 10.20
N SER A 908 11.24 -5.71 9.50
CA SER A 908 11.98 -6.97 9.53
C SER A 908 12.47 -7.27 10.93
N GLN A 909 12.77 -6.22 11.71
CA GLN A 909 13.12 -6.39 13.12
C GLN A 909 11.90 -6.82 13.92
N VAL A 910 10.76 -6.20 13.65
CA VAL A 910 9.52 -6.55 14.34
C VAL A 910 9.20 -8.02 14.10
N VAL A 911 9.22 -8.43 12.83
CA VAL A 911 8.90 -9.79 12.44
C VAL A 911 9.80 -10.77 13.16
N HIS A 912 11.10 -10.48 13.19
CA HIS A 912 12.04 -11.35 13.87
C HIS A 912 11.63 -11.53 15.34
N LYS A 913 11.31 -10.43 16.03
CA LYS A 913 10.95 -10.52 17.44
C LYS A 913 9.70 -11.37 17.63
N ILE A 914 8.75 -11.25 16.71
CA ILE A 914 7.51 -11.99 16.85
C ILE A 914 7.72 -13.47 16.58
N CYS A 915 8.52 -13.79 15.56
CA CYS A 915 8.86 -15.19 15.35
C CYS A 915 9.54 -15.77 16.58
N GLU A 916 10.38 -14.97 17.26
CA GLU A 916 11.00 -15.46 18.49
C GLU A 916 9.97 -15.68 19.59
N LEU A 917 8.97 -14.80 19.71
CA LEU A 917 7.91 -14.99 20.69
C LEU A 917 7.05 -16.21 20.35
N VAL A 918 6.72 -16.39 19.08
CA VAL A 918 5.97 -17.57 18.65
C VAL A 918 6.72 -18.84 19.04
N GLU A 919 8.02 -18.90 18.75
CA GLU A 919 8.74 -20.12 19.04
C GLU A 919 8.93 -20.31 20.54
N LYS A 920 9.19 -19.22 21.26
CA LYS A 920 9.44 -19.32 22.69
C LYS A 920 8.19 -19.79 23.44
N TYR A 921 7.05 -19.15 23.19
CA TYR A 921 5.82 -19.43 23.92
C TYR A 921 4.86 -20.33 23.14
N ASP A 922 5.29 -20.93 22.03
CA ASP A 922 4.43 -21.81 21.21
C ASP A 922 3.11 -21.11 20.86
N ALA A 923 3.16 -19.79 20.66
CA ALA A 923 2.01 -18.91 20.73
C ALA A 923 1.36 -18.63 19.37
N VAL A 924 0.04 -18.42 19.44
CA VAL A 924 -0.79 -17.94 18.34
C VAL A 924 -0.82 -16.39 18.38
N ILE A 925 -1.27 -15.74 17.31
CA ILE A 925 -1.13 -14.29 17.15
C ILE A 925 -2.51 -13.66 16.97
N ALA A 926 -2.78 -12.62 17.76
CA ALA A 926 -4.05 -11.89 17.70
C ALA A 926 -3.81 -10.52 17.11
N LEU A 927 -4.57 -10.19 16.05
CA LEU A 927 -4.44 -8.93 15.32
C LEU A 927 -5.78 -8.22 15.23
N GLU A 928 -5.72 -6.91 14.92
CA GLU A 928 -6.93 -6.13 14.69
C GLU A 928 -7.48 -6.40 13.30
N ASP A 929 -8.79 -6.61 13.21
CA ASP A 929 -9.47 -6.97 11.96
C ASP A 929 -9.96 -5.69 11.29
N LEU A 930 -9.06 -5.06 10.52
CA LEU A 930 -9.29 -3.73 9.97
C LEU A 930 -10.30 -3.67 8.84
N ASN A 931 -10.73 -4.82 8.30
CA ASN A 931 -11.76 -4.89 7.27
C ASN A 931 -11.39 -4.06 6.03
N VAL A 939 -4.69 5.08 10.80
CA VAL A 939 -3.96 6.35 10.95
C VAL A 939 -3.73 6.97 9.54
N LYS A 940 -2.87 7.99 9.46
CA LYS A 940 -2.63 8.73 8.22
C LYS A 940 -1.62 8.01 7.32
N VAL A 941 -1.92 8.00 6.01
CA VAL A 941 -1.38 6.99 5.09
C VAL A 941 0.15 6.93 5.14
N GLU A 942 0.81 8.08 5.22
CA GLU A 942 2.27 8.07 5.18
C GLU A 942 2.87 7.58 6.50
N LYS A 943 2.16 7.77 7.61
CA LYS A 943 2.59 7.22 8.90
C LYS A 943 2.34 5.71 9.03
N GLN A 944 1.62 5.11 8.08
CA GLN A 944 1.16 3.73 8.23
C GLN A 944 2.29 2.73 8.07
N VAL A 945 2.14 1.60 8.75
CA VAL A 945 3.20 0.63 8.90
C VAL A 945 2.58 -0.76 9.00
N TYR A 946 1.28 -0.80 9.30
CA TYR A 946 0.63 -2.05 9.68
C TYR A 946 0.41 -2.99 8.49
N GLN A 947 0.06 -2.44 7.33
CA GLN A 947 -0.15 -3.25 6.14
C GLN A 947 1.14 -3.93 5.70
N LYS A 948 2.23 -3.16 5.60
CA LYS A 948 3.52 -3.77 5.30
C LYS A 948 3.91 -4.79 6.35
N PHE A 949 3.55 -4.52 7.61
CA PHE A 949 3.87 -5.47 8.66
C PHE A 949 3.07 -6.77 8.51
N GLU A 950 1.79 -6.67 8.13
CA GLU A 950 1.01 -7.88 7.85
C GLU A 950 1.64 -8.69 6.72
N LYS A 951 1.94 -8.05 5.60
CA LYS A 951 2.50 -8.75 4.46
C LYS A 951 3.80 -9.46 4.83
N MET A 952 4.74 -8.72 5.45
CA MET A 952 6.04 -9.31 5.74
C MET A 952 5.93 -10.39 6.82
N LEU A 953 4.96 -10.25 7.73
CA LEU A 953 4.80 -11.26 8.76
C LEU A 953 4.19 -12.52 8.17
N ILE A 954 3.16 -12.35 7.34
CA ILE A 954 2.56 -13.51 6.70
C ILE A 954 3.58 -14.21 5.82
N ASP A 955 4.33 -13.44 5.02
CA ASP A 955 5.40 -14.01 4.20
C ASP A 955 6.29 -14.92 5.04
N LYS A 956 6.78 -14.39 6.16
CA LYS A 956 7.72 -15.17 6.97
C LYS A 956 7.07 -16.44 7.50
N LEU A 957 5.80 -16.36 7.88
CA LEU A 957 5.15 -17.52 8.48
C LEU A 957 4.70 -18.55 7.43
N ASN A 958 4.89 -18.26 6.14
CA ASN A 958 4.75 -19.28 5.11
C ASN A 958 5.90 -20.28 5.13
N TYR A 959 7.07 -19.87 5.64
CA TYR A 959 8.23 -20.75 5.73
C TYR A 959 9.16 -20.10 6.78
N MET A 960 8.95 -20.46 8.04
CA MET A 960 9.54 -19.74 9.16
C MET A 960 10.75 -20.51 9.65
N VAL A 961 11.92 -19.92 9.46
CA VAL A 961 13.19 -20.58 9.80
C VAL A 961 13.89 -19.79 10.90
N ASP A 962 14.47 -20.54 11.84
CA ASP A 962 15.43 -20.05 12.80
C ASP A 962 16.84 -20.38 12.29
N LYS A 963 17.57 -19.36 11.82
CA LYS A 963 18.94 -19.55 11.32
C LYS A 963 19.86 -20.23 12.32
N LYS A 964 19.60 -20.05 13.62
CA LYS A 964 20.45 -20.67 14.61
C LYS A 964 20.27 -22.18 14.69
N SER A 965 19.10 -22.70 14.33
CA SER A 965 18.88 -24.14 14.35
C SER A 965 19.73 -24.83 13.29
N ASN A 966 19.98 -26.12 13.51
CA ASN A 966 20.54 -26.95 12.46
C ASN A 966 19.55 -27.01 11.29
N PRO A 967 20.03 -27.03 10.05
CA PRO A 967 19.10 -27.10 8.91
C PRO A 967 18.12 -28.26 9.02
N CYS A 968 18.56 -29.41 9.52
CA CYS A 968 17.77 -30.64 9.52
C CYS A 968 16.91 -30.77 10.76
N ALA A 969 16.98 -29.82 11.68
CA ALA A 969 16.12 -29.81 12.85
C ALA A 969 14.82 -29.06 12.56
N THR A 970 13.81 -29.36 13.36
CA THR A 970 12.48 -28.80 13.14
C THR A 970 12.50 -27.28 13.31
N GLY A 971 12.10 -26.57 12.27
CA GLY A 971 12.28 -25.12 12.27
C GLY A 971 13.61 -24.64 11.75
N GLY A 972 14.48 -25.56 11.30
CA GLY A 972 15.70 -25.19 10.62
C GLY A 972 15.44 -24.94 9.14
N ALA A 973 16.53 -24.71 8.41
CA ALA A 973 16.38 -24.23 7.04
C ALA A 973 15.77 -25.26 6.10
N LEU A 974 15.88 -26.55 6.41
CA LEU A 974 15.22 -27.59 5.61
C LEU A 974 13.84 -27.94 6.13
N LYS A 975 13.45 -27.45 7.30
CA LYS A 975 12.21 -27.85 7.95
C LYS A 975 11.51 -26.61 8.52
N GLY A 976 11.26 -25.64 7.64
CA GLY A 976 10.61 -24.42 8.06
C GLY A 976 9.19 -24.66 8.53
N TYR A 977 8.78 -23.90 9.54
CA TYR A 977 7.38 -23.91 9.98
C TYR A 977 6.52 -23.19 8.95
N GLN A 978 5.38 -23.79 8.62
CA GLN A 978 4.42 -23.14 7.73
C GLN A 978 3.11 -22.94 8.51
N ILE A 979 3.02 -21.84 9.24
CA ILE A 979 1.91 -21.64 10.17
C ILE A 979 0.94 -20.57 9.66
N THR A 980 1.13 -20.05 8.46
CA THR A 980 0.10 -19.33 7.73
C THR A 980 -0.15 -20.02 6.41
N ASN A 981 -1.37 -19.88 5.89
CA ASN A 981 -1.65 -20.43 4.57
C ASN A 981 -0.80 -19.75 3.51
N LYS A 982 -0.61 -20.47 2.40
CA LYS A 982 0.16 -19.93 1.28
C LYS A 982 -0.42 -18.59 0.84
N PHE A 983 0.43 -17.57 0.83
CA PHE A 983 0.04 -16.20 0.55
C PHE A 983 -0.28 -16.02 -0.93
N GLU A 984 -1.55 -16.17 -1.29
CA GLU A 984 -1.99 -15.86 -2.64
C GLU A 984 -2.25 -14.36 -2.78
N SER A 985 -3.06 -13.81 -1.88
CA SER A 985 -3.49 -12.42 -1.95
C SER A 985 -4.17 -12.04 -0.64
N PHE A 986 -4.24 -10.73 -0.38
CA PHE A 986 -5.08 -10.25 0.73
C PHE A 986 -6.56 -10.49 0.45
N LYS A 987 -6.97 -10.28 -0.79
CA LYS A 987 -8.32 -10.56 -1.30
C LYS A 987 -8.92 -11.83 -0.73
N SER A 988 -8.11 -12.89 -0.69
CA SER A 988 -8.60 -14.24 -0.45
C SER A 988 -8.47 -14.67 1.00
N MET A 989 -8.23 -13.73 1.91
CA MET A 989 -8.00 -14.06 3.30
C MET A 989 -9.28 -13.95 4.09
N SER A 990 -9.41 -14.81 5.12
CA SER A 990 -10.51 -14.78 6.07
C SER A 990 -10.02 -14.21 7.41
N THR A 991 -10.81 -14.36 8.47
CA THR A 991 -10.35 -13.83 9.73
C THR A 991 -9.42 -14.77 10.46
N GLN A 992 -9.10 -15.93 9.89
CA GLN A 992 -8.02 -16.76 10.40
C GLN A 992 -7.08 -17.17 9.27
N ASN A 993 -5.79 -16.94 9.48
CA ASN A 993 -4.72 -17.38 8.59
C ASN A 993 -3.74 -18.16 9.47
N GLY A 994 -4.03 -19.44 9.69
CA GLY A 994 -3.24 -20.29 10.54
C GLY A 994 -3.16 -19.84 11.98
N PHE A 995 -1.96 -19.42 12.39
CA PHE A 995 -1.73 -18.92 13.74
C PHE A 995 -2.17 -17.47 13.92
N ILE A 996 -2.53 -16.78 12.85
CA ILE A 996 -2.93 -15.38 12.95
C ILE A 996 -4.45 -15.34 12.95
N PHE A 997 -5.02 -14.77 14.01
CA PHE A 997 -6.45 -14.52 14.11
C PHE A 997 -6.70 -13.03 14.05
N TYR A 998 -7.68 -12.63 13.26
CA TYR A 998 -8.11 -11.25 13.15
C TYR A 998 -9.43 -11.11 13.89
N ILE A 999 -9.47 -10.20 14.85
CA ILE A 999 -10.67 -10.12 15.69
C ILE A 999 -11.15 -8.68 15.75
N PRO A 1000 -12.43 -8.48 16.09
CA PRO A 1000 -12.98 -7.11 16.15
C PRO A 1000 -12.32 -6.26 17.24
N ALA A 1001 -11.79 -5.10 16.84
CA ALA A 1001 -11.08 -4.20 17.76
C ALA A 1001 -12.00 -3.35 18.65
N TRP A 1002 -13.32 -3.46 18.50
CA TRP A 1002 -14.29 -2.63 19.23
C TRP A 1002 -14.03 -2.63 20.73
N LEU A 1003 -13.73 -1.44 21.27
CA LEU A 1003 -13.52 -1.24 22.70
C LEU A 1003 -12.52 -2.26 23.27
N THR A 1004 -11.37 -2.32 22.64
CA THR A 1004 -10.23 -3.04 23.20
C THR A 1004 -9.23 -2.11 23.87
N SER A 1005 -9.21 -0.84 23.48
CA SER A 1005 -8.39 0.16 24.14
C SER A 1005 -9.18 1.00 25.14
N LYS A 1006 -10.36 1.49 24.75
CA LYS A 1006 -11.17 2.37 25.59
C LYS A 1006 -12.05 1.55 26.53
N ILE A 1007 -11.40 0.88 27.48
CA ILE A 1007 -12.08 -0.04 28.38
C ILE A 1007 -11.22 -0.22 29.63
N ASP A 1008 -11.89 -0.31 30.78
CA ASP A 1008 -11.23 -0.56 32.06
C ASP A 1008 -10.83 -2.03 32.14
N PRO A 1009 -9.54 -2.35 32.04
CA PRO A 1009 -9.16 -3.78 32.08
C PRO A 1009 -9.43 -4.45 33.42
N SER A 1010 -9.62 -3.67 34.49
CA SER A 1010 -9.79 -4.27 35.80
C SER A 1010 -11.26 -4.54 36.16
N THR A 1011 -12.20 -3.95 35.42
CA THR A 1011 -13.62 -4.17 35.62
C THR A 1011 -14.40 -4.45 34.35
N GLY A 1012 -13.90 -4.04 33.18
CA GLY A 1012 -14.64 -4.19 31.93
C GLY A 1012 -15.58 -3.05 31.62
N PHE A 1013 -15.64 -2.04 32.47
CA PHE A 1013 -16.50 -0.90 32.24
C PHE A 1013 -16.13 -0.19 30.94
N VAL A 1014 -17.14 0.21 30.18
CA VAL A 1014 -16.94 1.01 29.00
C VAL A 1014 -17.92 2.17 29.04
N ASN A 1015 -17.60 3.22 28.30
CA ASN A 1015 -18.45 4.39 28.18
C ASN A 1015 -19.44 4.17 27.05
N LEU A 1016 -20.72 4.03 27.41
CA LEU A 1016 -21.77 3.84 26.42
C LEU A 1016 -22.71 5.02 26.32
N LEU A 1017 -22.42 6.11 27.03
CA LEU A 1017 -23.29 7.28 26.99
C LEU A 1017 -22.95 8.18 25.81
N LYS A 1018 -23.97 8.84 25.28
CA LYS A 1018 -23.78 9.93 24.36
C LYS A 1018 -23.76 11.20 25.22
N THR A 1019 -22.59 11.82 25.30
CA THR A 1019 -22.40 12.95 26.20
C THR A 1019 -22.05 14.24 25.47
N LYS A 1020 -22.13 14.27 24.12
CA LYS A 1020 -22.00 15.52 23.39
C LYS A 1020 -23.24 16.36 23.63
N TYR A 1021 -23.04 17.64 23.95
CA TYR A 1021 -24.16 18.50 24.31
C TYR A 1021 -25.11 18.68 23.14
N THR A 1022 -26.42 18.61 23.41
CA THR A 1022 -27.41 18.85 22.36
C THR A 1022 -28.40 19.94 22.77
N SER A 1023 -29.37 19.60 23.61
CA SER A 1023 -30.38 20.57 24.02
C SER A 1023 -30.39 20.71 25.54
N ILE A 1024 -31.04 21.78 26.00
CA ILE A 1024 -31.24 21.94 27.43
C ILE A 1024 -32.16 20.85 27.98
N ALA A 1025 -33.21 20.51 27.22
CA ALA A 1025 -34.09 19.44 27.68
C ALA A 1025 -33.42 18.08 27.54
N ASP A 1026 -32.56 17.92 26.54
CA ASP A 1026 -31.74 16.71 26.44
C ASP A 1026 -30.86 16.54 27.67
N SER A 1027 -30.17 17.61 28.06
CA SER A 1027 -29.33 17.56 29.25
C SER A 1027 -30.14 17.21 30.49
N LYS A 1028 -31.32 17.84 30.65
CA LYS A 1028 -32.22 17.47 31.74
C LYS A 1028 -32.51 15.97 31.74
N LYS A 1029 -32.90 15.43 30.59
CA LYS A 1029 -33.15 14.00 30.47
C LYS A 1029 -31.93 13.20 30.91
N PHE A 1030 -30.75 13.59 30.42
CA PHE A 1030 -29.51 12.89 30.75
C PHE A 1030 -29.26 12.90 32.26
N ILE A 1031 -29.38 14.07 32.90
CA ILE A 1031 -29.15 14.15 34.34
C ILE A 1031 -30.21 13.35 35.10
N SER A 1032 -31.45 13.37 34.60
CA SER A 1032 -32.54 12.67 35.28
C SER A 1032 -32.41 11.15 35.20
N SER A 1033 -31.62 10.62 34.26
CA SER A 1033 -31.51 9.17 34.07
C SER A 1033 -30.50 8.52 35.00
N PHE A 1034 -29.76 9.29 35.81
CA PHE A 1034 -28.89 8.73 36.82
C PHE A 1034 -29.67 8.39 38.09
N ASP A 1035 -29.34 7.26 38.70
CA ASP A 1035 -30.00 6.86 39.94
C ASP A 1035 -29.83 7.91 41.02
N ARG A 1036 -28.64 8.50 41.12
CA ARG A 1036 -28.43 9.69 41.94
C ARG A 1036 -27.08 10.29 41.62
N ILE A 1037 -26.97 11.60 41.79
CA ILE A 1037 -25.70 12.32 41.70
C ILE A 1037 -25.48 12.98 43.04
N MET A 1038 -24.27 12.85 43.58
CA MET A 1038 -24.03 13.43 44.90
C MET A 1038 -22.53 13.63 45.10
N TYR A 1039 -22.22 14.46 46.08
CA TYR A 1039 -20.85 14.74 46.51
C TYR A 1039 -20.53 13.84 47.70
N VAL A 1040 -19.39 13.16 47.64
CA VAL A 1040 -18.98 12.26 48.71
C VAL A 1040 -17.89 12.94 49.54
N PRO A 1041 -18.24 13.50 50.70
CA PRO A 1041 -17.27 14.34 51.44
C PRO A 1041 -16.11 13.57 52.00
N GLU A 1042 -16.34 12.34 52.47
CA GLU A 1042 -15.24 11.57 53.04
C GLU A 1042 -14.17 11.26 51.99
N GLU A 1043 -14.51 11.28 50.70
CA GLU A 1043 -13.54 11.00 49.66
C GLU A 1043 -13.19 12.20 48.80
N ASP A 1044 -13.86 13.34 48.99
CA ASP A 1044 -13.76 14.51 48.10
C ASP A 1044 -13.91 14.09 46.62
N LEU A 1045 -14.99 13.37 46.34
CA LEU A 1045 -15.31 12.91 45.01
C LEU A 1045 -16.77 13.20 44.75
N PHE A 1046 -17.09 13.45 43.48
CA PHE A 1046 -18.47 13.39 43.05
C PHE A 1046 -18.78 11.97 42.56
N GLU A 1047 -19.97 11.48 42.91
CA GLU A 1047 -20.39 10.12 42.56
C GLU A 1047 -21.63 10.17 41.67
N PHE A 1048 -21.60 9.40 40.59
CA PHE A 1048 -22.70 9.33 39.62
C PHE A 1048 -23.11 7.86 39.53
N ALA A 1049 -24.20 7.50 40.20
CA ALA A 1049 -24.74 6.15 40.15
C ALA A 1049 -25.65 6.02 38.94
N LEU A 1050 -25.38 5.05 38.08
CA LEU A 1050 -26.19 4.88 36.89
C LEU A 1050 -26.51 3.41 36.66
N ASP A 1051 -27.73 3.16 36.19
CA ASP A 1051 -28.11 1.89 35.61
C ASP A 1051 -28.15 2.10 34.10
N TYR A 1052 -27.32 1.33 33.37
CA TYR A 1052 -27.26 1.50 31.92
C TYR A 1052 -28.61 1.30 31.26
N LYS A 1053 -29.51 0.52 31.87
CA LYS A 1053 -30.80 0.26 31.27
C LYS A 1053 -31.67 1.50 31.18
N ASN A 1054 -31.27 2.61 31.78
CA ASN A 1054 -32.02 3.86 31.68
C ASN A 1054 -31.47 4.79 30.60
N PHE A 1055 -30.65 4.27 29.69
CA PHE A 1055 -29.99 5.08 28.68
C PHE A 1055 -30.10 4.38 27.32
N SER A 1056 -30.11 5.20 26.27
CA SER A 1056 -30.15 4.69 24.90
C SER A 1056 -28.83 4.01 24.53
N ARG A 1057 -28.93 3.03 23.62
CA ARG A 1057 -27.76 2.36 23.03
C ARG A 1057 -26.98 1.55 24.06
N THR A 1058 -27.68 0.93 25.01
CA THR A 1058 -27.00 0.41 26.18
C THR A 1058 -26.85 -1.10 26.20
N ASP A 1059 -27.68 -1.84 25.44
CA ASP A 1059 -27.87 -3.28 25.65
C ASP A 1059 -26.58 -4.09 25.56
N ALA A 1060 -25.48 -3.52 25.07
CA ALA A 1060 -24.24 -4.30 24.98
C ALA A 1060 -23.64 -4.58 26.35
N ASP A 1061 -23.82 -3.69 27.31
CA ASP A 1061 -23.20 -3.84 28.63
C ASP A 1061 -23.86 -4.97 29.40
N TYR A 1062 -23.08 -5.61 30.25
CA TYR A 1062 -23.49 -6.78 31.00
C TYR A 1062 -23.78 -6.51 32.47
N ILE A 1063 -23.00 -5.63 33.10
CA ILE A 1063 -23.16 -5.34 34.51
C ILE A 1063 -24.31 -4.36 34.75
N LYS A 1064 -24.43 -3.34 33.88
CA LYS A 1064 -25.54 -2.38 33.85
C LYS A 1064 -25.47 -1.32 34.95
N LYS A 1065 -25.13 -1.71 36.18
CA LYS A 1065 -25.16 -0.81 37.34
C LYS A 1065 -23.74 -0.42 37.72
N TRP A 1066 -23.40 0.86 37.58
CA TRP A 1066 -22.07 1.37 37.87
C TRP A 1066 -22.15 2.64 38.71
N LYS A 1067 -21.12 2.88 39.51
CA LYS A 1067 -20.95 4.14 40.24
C LYS A 1067 -19.73 4.85 39.68
N LEU A 1068 -19.93 5.92 38.92
CA LEU A 1068 -18.84 6.71 38.37
C LEU A 1068 -18.39 7.77 39.38
N TYR A 1069 -17.07 7.97 39.48
CA TYR A 1069 -16.51 8.94 40.40
C TYR A 1069 -15.64 9.96 39.67
N SER A 1070 -15.65 11.21 40.14
CA SER A 1070 -14.85 12.25 39.51
C SER A 1070 -13.38 12.11 39.90
N TYR A 1071 -12.85 10.90 39.84
CA TYR A 1071 -11.51 10.60 40.33
C TYR A 1071 -10.43 11.03 39.32
N GLY A 1072 -9.37 11.66 39.83
CA GLY A 1072 -8.19 11.95 39.03
C GLY A 1072 -8.31 13.07 38.00
N ASN A 1073 -7.32 13.11 37.12
CA ASN A 1073 -7.19 14.11 36.07
CA ASN A 1073 -7.27 14.14 36.08
C ASN A 1073 -7.59 13.53 34.72
N ARG A 1074 -7.71 14.42 33.73
CA ARG A 1074 -7.97 14.09 32.33
C ARG A 1074 -7.22 15.06 31.44
N ILE A 1075 -6.89 14.62 30.23
CA ILE A 1075 -6.33 15.50 29.22
C ILE A 1075 -7.45 15.91 28.28
N ARG A 1076 -7.80 17.20 28.32
CA ARG A 1076 -8.75 17.80 27.41
C ARG A 1076 -8.02 18.23 26.13
N ILE A 1077 -8.65 18.02 24.97
CA ILE A 1077 -8.05 18.37 23.68
C ILE A 1077 -8.94 19.36 22.94
N PHE A 1078 -8.31 20.29 22.23
CA PHE A 1078 -8.99 21.37 21.49
C PHE A 1078 -8.00 22.29 20.76
N ASP A 1088 -4.81 21.96 20.68
CA ASP A 1088 -4.29 22.32 22.00
C ASP A 1088 -4.73 21.31 23.07
N TRP A 1089 -4.14 21.38 24.25
CA TRP A 1089 -4.52 20.50 25.35
C TRP A 1089 -4.36 21.19 26.68
N GLU A 1090 -5.02 20.63 27.69
CA GLU A 1090 -4.93 21.14 29.05
C GLU A 1090 -5.36 20.05 30.02
N GLU A 1091 -4.66 19.98 31.16
CA GLU A 1091 -5.01 19.03 32.20
C GLU A 1091 -6.21 19.54 32.98
N VAL A 1092 -7.18 18.65 33.25
CA VAL A 1092 -8.38 19.00 33.99
C VAL A 1092 -8.46 18.12 35.22
N CYS A 1093 -8.66 18.73 36.39
CA CYS A 1093 -8.92 17.97 37.61
C CYS A 1093 -10.43 17.90 37.81
N LEU A 1094 -10.99 16.70 37.66
CA LEU A 1094 -12.44 16.54 37.55
C LEU A 1094 -13.19 17.14 38.74
N THR A 1095 -12.85 16.71 39.96
CA THR A 1095 -13.60 17.15 41.14
C THR A 1095 -13.58 18.68 41.26
N SER A 1096 -12.42 19.27 41.03
CA SER A 1096 -12.29 20.72 41.11
C SER A 1096 -13.05 21.40 39.98
N ALA A 1097 -13.02 20.81 38.77
CA ALA A 1097 -13.75 21.41 37.65
C ALA A 1097 -15.25 21.37 37.89
N TYR A 1098 -15.75 20.23 38.39
CA TYR A 1098 -17.14 20.18 38.83
C TYR A 1098 -17.43 21.25 39.88
N LYS A 1099 -16.61 21.31 40.95
CA LYS A 1099 -16.86 22.29 42.00
C LYS A 1099 -16.91 23.70 41.43
N GLU A 1100 -15.95 24.03 40.57
CA GLU A 1100 -15.96 25.35 39.92
C GLU A 1100 -17.24 25.55 39.13
N LEU A 1101 -17.69 24.52 38.42
CA LEU A 1101 -18.88 24.66 37.59
C LEU A 1101 -20.12 24.92 38.45
N PHE A 1102 -20.34 24.11 39.48
CA PHE A 1102 -21.50 24.31 40.35
C PHE A 1102 -21.45 25.65 41.06
N ASN A 1103 -20.25 26.09 41.47
CA ASN A 1103 -20.13 27.37 42.16
C ASN A 1103 -20.41 28.54 41.23
N LYS A 1104 -20.02 28.42 39.96
CA LYS A 1104 -20.35 29.46 39.00
C LYS A 1104 -21.85 29.74 38.98
N TYR A 1105 -22.67 28.71 39.20
CA TYR A 1105 -24.12 28.82 39.09
C TYR A 1105 -24.86 28.77 40.44
N GLY A 1106 -24.14 28.91 41.55
CA GLY A 1106 -24.78 28.87 42.87
C GLY A 1106 -25.54 27.60 43.16
N ILE A 1107 -25.03 26.46 42.71
CA ILE A 1107 -25.62 25.16 43.00
C ILE A 1107 -25.04 24.63 44.31
N ASN A 1108 -25.92 24.26 45.25
CA ASN A 1108 -25.49 23.63 46.49
C ASN A 1108 -25.21 22.15 46.22
N TYR A 1109 -23.96 21.86 45.82
CA TYR A 1109 -23.65 20.50 45.38
C TYR A 1109 -23.49 19.53 46.54
N GLN A 1110 -23.33 20.04 47.76
CA GLN A 1110 -23.31 19.22 48.97
C GLN A 1110 -24.70 18.77 49.39
N GLN A 1111 -25.76 19.28 48.75
CA GLN A 1111 -27.14 19.05 49.20
C GLN A 1111 -27.60 17.66 48.81
N GLY A 1112 -26.89 16.65 49.32
CA GLY A 1112 -27.18 15.25 49.04
C GLY A 1112 -27.25 14.95 47.55
N ASP A 1113 -28.44 14.54 47.10
CA ASP A 1113 -28.72 14.24 45.69
C ASP A 1113 -28.97 15.55 44.95
N ILE A 1114 -27.96 15.98 44.19
CA ILE A 1114 -27.98 17.26 43.47
C ILE A 1114 -28.75 17.17 42.17
N ARG A 1115 -29.33 16.02 41.83
CA ARG A 1115 -29.89 15.81 40.50
C ARG A 1115 -30.97 16.82 40.16
N ALA A 1116 -32.03 16.89 40.97
CA ALA A 1116 -33.13 17.81 40.68
C ALA A 1116 -32.67 19.26 40.76
N LEU A 1117 -31.67 19.54 41.58
CA LEU A 1117 -31.09 20.87 41.65
C LEU A 1117 -30.40 21.27 40.34
N LEU A 1118 -29.71 20.31 39.70
CA LEU A 1118 -29.06 20.58 38.41
C LEU A 1118 -30.08 20.84 37.30
N CYS A 1119 -31.22 20.16 37.33
CA CYS A 1119 -32.22 20.32 36.29
C CYS A 1119 -32.94 21.66 36.37
N GLU A 1120 -32.91 22.33 37.52
CA GLU A 1120 -33.55 23.62 37.63
C GLU A 1120 -32.78 24.74 36.96
N GLN A 1121 -31.59 24.48 36.43
CA GLN A 1121 -30.80 25.53 35.80
C GLN A 1121 -31.39 25.87 34.42
N SER A 1122 -31.32 27.16 34.05
CA SER A 1122 -31.89 27.60 32.78
C SER A 1122 -30.84 28.07 31.78
N ASP A 1123 -29.65 28.44 32.23
CA ASP A 1123 -28.57 28.84 31.35
C ASP A 1123 -28.12 27.64 30.51
N LYS A 1124 -28.19 27.76 29.18
CA LYS A 1124 -27.67 26.70 28.33
C LYS A 1124 -26.18 26.48 28.56
N ALA A 1125 -25.47 27.50 29.04
CA ALA A 1125 -24.03 27.35 29.26
C ALA A 1125 -23.73 26.45 30.45
N PHE A 1126 -24.66 26.30 31.40
CA PHE A 1126 -24.43 25.33 32.46
C PHE A 1126 -24.37 23.92 31.90
N TYR A 1127 -25.34 23.57 31.04
CA TYR A 1127 -25.46 22.21 30.55
C TYR A 1127 -24.36 21.85 29.58
N SER A 1128 -23.98 22.80 28.71
CA SER A 1128 -22.85 22.56 27.81
C SER A 1128 -21.57 22.33 28.60
N SER A 1129 -21.34 23.13 29.64
CA SER A 1129 -20.17 22.89 30.49
C SER A 1129 -20.30 21.59 31.27
N PHE A 1130 -21.51 21.27 31.72
CA PHE A 1130 -21.72 20.05 32.49
C PHE A 1130 -21.53 18.81 31.61
N MET A 1131 -22.10 18.82 30.40
CA MET A 1131 -21.96 17.66 29.53
C MET A 1131 -20.49 17.43 29.17
N ALA A 1132 -19.75 18.52 28.97
CA ALA A 1132 -18.32 18.42 28.66
C ALA A 1132 -17.55 17.80 29.82
N LEU A 1133 -17.86 18.20 31.06
CA LEU A 1133 -17.21 17.55 32.19
C LEU A 1133 -17.57 16.07 32.27
N MET A 1134 -18.83 15.73 31.99
CA MET A 1134 -19.20 14.31 31.93
C MET A 1134 -18.40 13.57 30.88
N SER A 1135 -18.16 14.23 29.73
CA SER A 1135 -17.39 13.60 28.66
C SER A 1135 -15.96 13.30 29.11
N LEU A 1136 -15.30 14.29 29.70
CA LEU A 1136 -13.92 14.08 30.15
C LEU A 1136 -13.86 12.97 31.19
N MET A 1137 -14.89 12.85 32.01
CA MET A 1137 -14.88 11.83 33.05
C MET A 1137 -14.95 10.43 32.44
N LEU A 1138 -15.75 10.28 31.38
CA LEU A 1138 -15.86 8.98 30.72
C LEU A 1138 -14.73 8.74 29.74
N GLN A 1139 -13.82 9.69 29.59
CA GLN A 1139 -12.67 9.58 28.70
C GLN A 1139 -11.56 8.89 29.48
N MET A 1140 -11.52 7.56 29.37
CA MET A 1140 -10.51 6.78 30.06
C MET A 1140 -9.16 6.92 29.41
N ARG A 1141 -9.14 7.04 28.08
CA ARG A 1141 -7.92 7.19 27.30
C ARG A 1141 -7.51 8.65 27.31
N ASN A 1142 -6.32 8.95 27.82
CA ASN A 1142 -5.89 10.35 27.97
C ASN A 1142 -4.49 10.49 27.41
N SER A 1143 -4.35 11.20 26.30
CA SER A 1143 -3.07 11.25 25.67
C SER A 1143 -2.83 12.59 25.01
N ILE A 1144 -1.55 12.89 24.82
CA ILE A 1144 -1.10 14.07 24.11
C ILE A 1144 -0.42 13.61 22.84
N THR A 1145 -0.72 14.28 21.74
CA THR A 1145 -0.11 13.95 20.46
C THR A 1145 1.37 14.33 20.48
N GLY A 1146 2.23 13.36 20.21
CA GLY A 1146 3.67 13.55 20.29
C GLY A 1146 4.30 13.18 21.61
N ARG A 1147 3.60 12.41 22.45
CA ARG A 1147 4.03 12.11 23.81
C ARG A 1147 3.87 10.61 24.09
N THR A 1148 4.97 9.86 23.93
CA THR A 1148 4.98 8.47 24.35
C THR A 1148 4.60 8.34 25.83
N ASP A 1149 5.02 9.32 26.64
CA ASP A 1149 4.94 9.25 28.09
C ASP A 1149 3.62 9.73 28.68
N VAL A 1150 2.73 10.33 27.88
CA VAL A 1150 1.41 10.75 28.38
C VAL A 1150 0.32 10.00 27.62
N ASP A 1151 0.16 8.71 27.89
CA ASP A 1151 -0.83 7.89 27.21
C ASP A 1151 -1.56 7.03 28.25
N PHE A 1152 -2.16 7.68 29.25
CA PHE A 1152 -2.64 6.90 30.38
C PHE A 1152 -4.11 6.52 30.25
N LEU A 1153 -4.45 5.41 30.90
CA LEU A 1153 -5.81 4.91 30.97
C LEU A 1153 -6.25 4.96 32.42
N ILE A 1154 -7.29 5.73 32.70
CA ILE A 1154 -7.80 5.90 34.05
C ILE A 1154 -9.31 5.68 34.00
N SER A 1155 -9.82 4.89 34.93
CA SER A 1155 -11.19 4.44 35.07
C SER A 1155 -11.98 5.34 36.02
N PRO A 1156 -13.21 5.73 35.67
CA PRO A 1156 -14.03 6.48 36.62
C PRO A 1156 -14.84 5.54 37.49
N VAL A 1157 -14.43 4.28 37.57
CA VAL A 1157 -15.17 3.23 38.25
C VAL A 1157 -14.24 2.54 39.23
N LYS A 1158 -14.78 2.11 40.38
CA LYS A 1158 -14.01 1.35 41.37
C LYS A 1158 -14.15 -0.14 41.11
N ASN A 1159 -13.13 -0.88 41.53
CA ASN A 1159 -13.14 -2.33 41.34
C ASN A 1159 -13.70 -3.00 42.60
N SER A 1160 -13.60 -4.33 42.65
CA SER A 1160 -14.12 -5.11 43.76
C SER A 1160 -13.47 -4.78 45.11
N ASP A 1161 -12.45 -3.92 45.14
CA ASP A 1161 -11.73 -3.61 46.36
C ASP A 1161 -11.61 -2.11 46.60
N GLY A 1162 -12.40 -1.31 45.88
CA GLY A 1162 -12.43 0.12 46.10
C GLY A 1162 -11.33 0.90 45.42
N ILE A 1163 -10.62 0.29 44.49
CA ILE A 1163 -9.48 0.91 43.85
C ILE A 1163 -9.88 1.33 42.43
N PHE A 1164 -9.44 2.52 42.02
CA PHE A 1164 -9.56 2.96 40.63
C PHE A 1164 -8.37 2.47 39.83
N TYR A 1165 -8.62 1.94 38.64
CA TYR A 1165 -7.51 1.53 37.80
C TYR A 1165 -6.87 2.75 37.16
N ASP A 1166 -5.58 2.93 37.40
CA ASP A 1166 -4.78 3.96 36.75
C ASP A 1166 -3.56 3.28 36.13
N SER A 1167 -3.50 3.28 34.79
CA SER A 1167 -2.38 2.66 34.08
C SER A 1167 -1.04 3.20 34.56
N ARG A 1168 -1.02 4.44 35.07
CA ARG A 1168 0.25 5.01 35.52
C ARG A 1168 0.79 4.30 36.75
N ASN A 1169 -0.05 3.58 37.49
CA ASN A 1169 0.45 2.73 38.56
C ASN A 1169 1.30 1.60 38.01
N TYR A 1170 0.93 1.06 36.83
CA TYR A 1170 1.60 -0.12 36.30
C TYR A 1170 2.78 0.23 35.41
N GLU A 1171 2.71 1.34 34.66
CA GLU A 1171 3.82 1.75 33.82
C GLU A 1171 5.11 1.86 34.60
N ALA A 1172 5.01 2.10 35.91
CA ALA A 1172 6.19 2.38 36.71
C ALA A 1172 6.98 1.12 37.09
N GLN A 1173 6.37 -0.06 37.05
CA GLN A 1173 7.02 -1.28 37.54
C GLN A 1173 7.55 -2.14 36.38
N GLU A 1174 8.66 -2.83 36.66
CA GLU A 1174 9.33 -3.62 35.63
C GLU A 1174 8.38 -4.66 35.04
N ASN A 1175 7.77 -5.48 35.89
CA ASN A 1175 6.73 -6.40 35.45
C ASN A 1175 5.41 -5.95 36.06
N ALA A 1176 4.37 -5.93 35.24
CA ALA A 1176 3.06 -5.41 35.63
C ALA A 1176 1.97 -6.40 35.28
N ILE A 1177 1.08 -6.64 36.25
CA ILE A 1177 -0.07 -7.53 36.10
C ILE A 1177 -1.05 -7.01 35.07
N LEU A 1178 -1.17 -5.69 34.97
CA LEU A 1178 -2.19 -5.04 34.14
C LEU A 1178 -1.53 -4.15 33.09
N PRO A 1179 -2.27 -3.69 32.08
CA PRO A 1179 -1.65 -2.85 31.04
C PRO A 1179 -0.95 -1.63 31.63
N LYS A 1180 0.24 -1.34 31.09
CA LYS A 1180 1.01 -0.18 31.52
C LYS A 1180 0.57 1.12 30.85
N ASN A 1181 -0.27 1.07 29.81
CA ASN A 1181 -0.80 2.26 29.15
C ASN A 1181 -1.98 1.84 28.26
N ALA A 1182 -2.56 2.82 27.58
CA ALA A 1182 -3.78 2.58 26.81
C ALA A 1182 -3.51 1.76 25.56
N ASP A 1183 -2.37 1.98 24.90
CA ASP A 1183 -2.03 1.15 23.74
C ASP A 1183 -1.70 -0.27 24.17
N ALA A 1184 -1.01 -0.44 25.30
CA ALA A 1184 -0.80 -1.77 25.85
C ALA A 1184 -2.13 -2.43 26.18
N ASN A 1185 -3.07 -1.64 26.68
CA ASN A 1185 -4.39 -2.18 26.96
C ASN A 1185 -5.03 -2.75 25.70
N GLY A 1186 -4.81 -2.12 24.54
CA GLY A 1186 -5.38 -2.61 23.31
C GLY A 1186 -4.82 -3.97 22.91
N ALA A 1187 -3.50 -4.12 22.99
CA ALA A 1187 -2.90 -5.40 22.64
C ALA A 1187 -3.39 -6.50 23.56
N TYR A 1188 -3.48 -6.19 24.87
CA TYR A 1188 -3.99 -7.13 25.87
C TYR A 1188 -5.38 -7.66 25.53
N ASN A 1189 -6.30 -6.78 25.14
CA ASN A 1189 -7.68 -7.22 24.98
C ASN A 1189 -7.95 -7.79 23.59
N ILE A 1190 -7.18 -7.36 22.60
CA ILE A 1190 -7.12 -8.11 21.34
C ILE A 1190 -6.75 -9.56 21.63
N ALA A 1191 -5.69 -9.76 22.43
CA ALA A 1191 -5.29 -11.11 22.81
C ALA A 1191 -6.41 -11.86 23.51
N ARG A 1192 -7.09 -11.20 24.46
CA ARG A 1192 -8.15 -11.86 25.21
C ARG A 1192 -9.35 -12.20 24.32
N LYS A 1193 -9.60 -11.42 23.27
CA LYS A 1193 -10.69 -11.78 22.36
C LYS A 1193 -10.38 -13.08 21.62
N VAL A 1194 -9.11 -13.40 21.47
CA VAL A 1194 -8.72 -14.68 20.88
C VAL A 1194 -8.79 -15.79 21.93
N LEU A 1195 -8.44 -15.47 23.19
CA LEU A 1195 -8.67 -16.41 24.28
C LEU A 1195 -10.13 -16.79 24.37
N TRP A 1196 -11.03 -15.84 24.16
CA TRP A 1196 -12.44 -16.16 24.13
C TRP A 1196 -12.74 -17.15 23.01
N ALA A 1197 -12.08 -17.00 21.87
CA ALA A 1197 -12.33 -17.90 20.75
C ALA A 1197 -11.74 -19.29 20.99
N ILE A 1198 -10.60 -19.36 21.68
CA ILE A 1198 -10.05 -20.65 22.10
C ILE A 1198 -11.02 -21.36 23.03
N GLY A 1199 -11.57 -20.64 24.01
CA GLY A 1199 -12.64 -21.19 24.82
C GLY A 1199 -13.84 -21.62 24.00
N GLN A 1200 -14.04 -20.99 22.84
CA GLN A 1200 -15.15 -21.33 21.96
C GLN A 1200 -14.87 -22.59 21.16
N PHE A 1201 -13.60 -22.84 20.80
CA PHE A 1201 -13.22 -24.12 20.22
C PHE A 1201 -13.40 -25.26 21.21
N LYS A 1202 -13.18 -24.99 22.50
CA LYS A 1202 -13.22 -26.07 23.47
C LYS A 1202 -14.64 -26.56 23.69
N LYS A 1203 -15.62 -25.66 23.70
CA LYS A 1203 -17.01 -26.08 23.84
C LYS A 1203 -17.46 -26.94 22.66
N ALA A 1204 -16.80 -26.82 21.51
CA ALA A 1204 -17.23 -27.49 20.30
C ALA A 1204 -16.55 -28.84 20.14
N GLU A 1205 -17.25 -29.77 19.49
CA GLU A 1205 -16.66 -31.05 19.19
C GLU A 1205 -15.71 -30.93 17.98
N ASP A 1206 -14.77 -31.87 17.89
CA ASP A 1206 -13.67 -31.75 16.93
C ASP A 1206 -14.18 -31.62 15.51
N GLU A 1207 -15.07 -32.51 15.09
CA GLU A 1207 -15.52 -32.57 13.70
C GLU A 1207 -16.27 -31.31 13.27
N LYS A 1208 -16.65 -30.46 14.22
CA LYS A 1208 -17.35 -29.22 13.90
C LYS A 1208 -16.52 -27.98 14.27
N LEU A 1209 -15.20 -28.14 14.48
CA LEU A 1209 -14.35 -27.04 14.92
C LEU A 1209 -14.24 -25.93 13.88
N ASP A 1210 -14.10 -26.29 12.61
CA ASP A 1210 -14.07 -25.26 11.59
C ASP A 1210 -15.43 -24.55 11.40
N LYS A 1211 -16.45 -24.72 12.24
CA LYS A 1211 -17.68 -23.94 12.14
C LYS A 1211 -17.83 -22.93 13.26
N VAL A 1212 -16.86 -22.83 14.17
CA VAL A 1212 -16.95 -21.92 15.30
C VAL A 1212 -16.74 -20.49 14.81
N LYS A 1213 -17.71 -19.61 15.10
CA LYS A 1213 -17.55 -18.19 14.82
C LYS A 1213 -16.52 -17.61 15.76
N ILE A 1214 -15.33 -17.28 15.24
CA ILE A 1214 -14.30 -16.78 16.14
C ILE A 1214 -14.44 -15.30 16.46
N ALA A 1215 -15.40 -14.60 15.84
CA ALA A 1215 -15.60 -13.18 16.08
C ALA A 1215 -16.47 -12.99 17.31
N ILE A 1216 -15.93 -12.35 18.33
CA ILE A 1216 -16.70 -12.13 19.53
C ILE A 1216 -17.67 -10.97 19.28
N SER A 1217 -18.94 -11.18 19.61
CA SER A 1217 -19.90 -10.10 19.49
C SER A 1217 -19.63 -9.05 20.58
N ASN A 1218 -20.18 -7.85 20.38
CA ASN A 1218 -20.01 -6.80 21.36
C ASN A 1218 -20.53 -7.23 22.74
N LYS A 1219 -21.78 -7.71 22.80
CA LYS A 1219 -22.32 -8.14 24.09
C LYS A 1219 -21.49 -9.26 24.70
N GLU A 1220 -21.06 -10.22 23.87
CA GLU A 1220 -20.22 -11.30 24.39
C GLU A 1220 -18.92 -10.77 24.99
N TRP A 1221 -18.33 -9.74 24.38
CA TRP A 1221 -17.08 -9.19 24.89
C TRP A 1221 -17.28 -8.43 26.20
N LEU A 1222 -18.38 -7.67 26.30
CA LEU A 1222 -18.61 -6.96 27.54
C LEU A 1222 -18.80 -7.95 28.68
N GLU A 1223 -19.44 -9.09 28.42
CA GLU A 1223 -19.62 -10.09 29.46
C GLU A 1223 -18.31 -10.82 29.77
N TYR A 1224 -17.53 -11.15 28.73
CA TYR A 1224 -16.22 -11.74 28.97
C TYR A 1224 -15.35 -10.80 29.81
N ALA A 1225 -15.27 -9.52 29.42
CA ALA A 1225 -14.33 -8.60 30.06
C ALA A 1225 -14.75 -8.22 31.47
N GLN A 1226 -16.07 -8.20 31.75
CA GLN A 1226 -16.57 -7.83 33.07
C GLN A 1226 -16.69 -9.02 34.02
N THR A 1227 -16.45 -10.24 33.55
CA THR A 1227 -16.54 -11.45 34.35
C THR A 1227 -15.20 -12.12 34.62
N SER A 1228 -14.24 -12.00 33.71
CA SER A 1228 -12.89 -12.52 33.95
C SER A 1228 -12.33 -12.05 35.30
N VAL A 1229 -12.72 -10.85 35.73
CA VAL A 1229 -12.16 -10.22 36.91
C VAL A 1229 -13.09 -10.34 38.11
MG MG E . 26.67 -12.56 9.03
C1 EDO F . 15.16 -14.71 -12.23
O1 EDO F . 15.15 -13.28 -12.19
C2 EDO F . 13.72 -15.19 -12.14
O2 EDO F . 13.36 -15.27 -10.76
C1 EDO G . 29.56 -19.06 3.53
O1 EDO G . 28.73 -20.12 4.00
C2 EDO G . 30.44 -19.59 2.41
O2 EDO G . 30.86 -20.91 2.77
MG MG H . 22.91 2.09 5.48
NA NA I . -3.89 14.12 -5.92
NA NA J . -2.49 7.12 -10.36
NA NA K . 5.02 -13.91 -5.85
#